data_9H5P
#
_entry.id   9H5P
#
_cell.length_a   68.816
_cell.length_b   100.338
_cell.length_c   120.845
_cell.angle_alpha   90.00
_cell.angle_beta   90.00
_cell.angle_gamma   90.00
#
_symmetry.space_group_name_H-M   'P 21 21 21'
#
loop_
_entity.id
_entity.type
_entity.pdbx_description
1 polymer 'Monoamine oxidase'
2 non-polymer 'FLAVIN-ADENINE DINUCLEOTIDE'
3 non-polymer 'MAGNESIUM ION'
4 non-polymer 1,4-DIAMINOBUTANE
5 water water
#
_entity_poly.entity_id   1
_entity_poly.type   'polypeptide(L)'
_entity_poly.pdbx_seq_one_letter_code
;MGSSHHHHHHGSGLVPRGSAGMPSEQVDVVVVGAGFAGLTAARAVHEAGRSVLVLEARDRVGGRTCTEEHHGTWIDLGGQ
WIGPGQDRVAALAAELGVETYPQPTEGDDVVLFGDGEPQRAPDVALAFSDEELTAYLELAGALEAIAEKVPLDAPWLAPE
AAAWDATTLREWVAGTGVPDRVAGLFEVAVQAVFAATSAQLSLLHAAHYVHSAGGWSKLTDTEGGAQQDRLVGGVQPLAE
RLAARLPDGALRLSTPVRGLAQDGDGVTVRTAGGEVRARRAIVAVPPTLAGRIDHDPPLPPQRDQLLQHMPQGSVVKFHV
IYDEPWWRAEGLSGTVLCPDEPIGVTFDGTPPAGTPGIVTGFFEGPAAVAAGARTREERRDVVVDVLARTLGERARDVRD
YIDRDWSAEPWTRGCYGAHLPPGAWTVYGPALRVPVGRVHWAGTETAERWTGYIDGAIESGQRAAAEVLAALGS
;
_entity_poly.pdbx_strand_id   A,B
#
loop_
_chem_comp.id
_chem_comp.type
_chem_comp.name
_chem_comp.formula
FAD non-polymer 'FLAVIN-ADENINE DINUCLEOTIDE' 'C27 H33 N9 O15 P2'
MG non-polymer 'MAGNESIUM ION' 'Mg 2'
PUT non-polymer 1,4-DIAMINOBUTANE 'C4 H12 N2'
#
# COMPACT_ATOMS: atom_id res chain seq x y z
N VAL A 27 -20.32 -17.23 -21.78
CA VAL A 27 -19.02 -17.17 -22.56
C VAL A 27 -17.96 -18.07 -21.92
N ASP A 28 -16.93 -18.45 -22.69
CA ASP A 28 -15.75 -19.22 -22.19
C ASP A 28 -14.98 -18.33 -21.20
N VAL A 29 -14.54 -17.12 -21.63
CA VAL A 29 -13.64 -16.20 -20.87
C VAL A 29 -14.25 -14.77 -20.80
N VAL A 30 -14.33 -14.21 -19.60
CA VAL A 30 -14.51 -12.74 -19.40
C VAL A 30 -13.15 -12.16 -19.01
N VAL A 31 -12.70 -11.16 -19.78
CA VAL A 31 -11.52 -10.28 -19.50
C VAL A 31 -12.01 -8.99 -18.82
N VAL A 32 -11.43 -8.61 -17.66
CA VAL A 32 -11.72 -7.31 -17.00
C VAL A 32 -10.59 -6.33 -17.36
N GLY A 33 -10.91 -5.29 -18.17
CA GLY A 33 -9.99 -4.23 -18.61
C GLY A 33 -9.58 -4.35 -20.08
N ALA A 34 -9.76 -3.29 -20.87
CA ALA A 34 -9.34 -3.18 -22.29
C ALA A 34 -8.11 -2.24 -22.41
N GLY A 35 -7.11 -2.44 -21.54
CA GLY A 35 -5.74 -1.96 -21.74
C GLY A 35 -5.06 -2.90 -22.70
N PHE A 36 -3.76 -2.76 -22.95
CA PHE A 36 -3.02 -3.66 -23.85
C PHE A 36 -3.00 -5.10 -23.30
N ALA A 37 -2.99 -5.28 -21.97
CA ALA A 37 -3.01 -6.60 -21.29
C ALA A 37 -4.36 -7.27 -21.57
N GLY A 38 -5.44 -6.60 -21.18
CA GLY A 38 -6.82 -7.08 -21.45
C GLY A 38 -7.02 -7.45 -22.92
N LEU A 39 -6.76 -6.51 -23.82
CA LEU A 39 -7.09 -6.65 -25.25
C LEU A 39 -6.27 -7.76 -25.89
N THR A 40 -4.99 -7.87 -25.52
CA THR A 40 -4.06 -8.92 -26.02
C THR A 40 -4.53 -10.31 -25.54
N ALA A 41 -4.99 -10.42 -24.29
CA ALA A 41 -5.57 -11.68 -23.76
C ALA A 41 -6.85 -12.03 -24.52
N ALA A 42 -7.72 -11.04 -24.79
CA ALA A 42 -9.07 -11.25 -25.36
C ALA A 42 -8.91 -11.79 -26.77
N ARG A 43 -7.94 -11.23 -27.48
CA ARG A 43 -7.64 -11.57 -28.89
C ARG A 43 -7.09 -13.01 -28.98
N ALA A 44 -5.99 -13.32 -28.28
CA ALA A 44 -5.34 -14.66 -28.32
C ALA A 44 -6.40 -15.72 -27.99
N VAL A 45 -7.29 -15.43 -27.06
CA VAL A 45 -8.43 -16.33 -26.67
C VAL A 45 -9.42 -16.47 -27.85
N HIS A 46 -9.69 -15.38 -28.59
CA HIS A 46 -10.64 -15.30 -29.74
C HIS A 46 -10.14 -16.12 -30.94
N GLU A 47 -8.88 -15.91 -31.31
CA GLU A 47 -8.23 -16.59 -32.46
C GLU A 47 -7.96 -18.06 -32.11
N ALA A 48 -7.87 -18.43 -30.83
CA ALA A 48 -7.70 -19.84 -30.42
C ALA A 48 -8.96 -20.65 -30.76
N GLY A 49 -10.13 -19.97 -30.80
CA GLY A 49 -11.46 -20.55 -31.13
C GLY A 49 -12.44 -20.52 -29.95
N ARG A 50 -12.28 -19.58 -29.02
CA ARG A 50 -13.03 -19.51 -27.75
C ARG A 50 -13.82 -18.20 -27.73
N SER A 51 -14.94 -18.16 -26.96
CA SER A 51 -15.82 -16.98 -26.81
C SER A 51 -15.31 -16.09 -25.67
N VAL A 52 -15.34 -14.78 -25.87
CA VAL A 52 -14.77 -13.84 -24.88
C VAL A 52 -15.56 -12.53 -24.89
N LEU A 53 -15.78 -11.96 -23.70
CA LEU A 53 -16.14 -10.53 -23.52
C LEU A 53 -15.01 -9.79 -22.80
N VAL A 54 -14.79 -8.53 -23.21
CA VAL A 54 -13.94 -7.55 -22.49
C VAL A 54 -14.84 -6.50 -21.85
N LEU A 55 -14.89 -6.44 -20.51
CA LEU A 55 -15.69 -5.42 -19.79
C LEU A 55 -14.71 -4.36 -19.30
N GLU A 56 -14.93 -3.12 -19.80
CA GLU A 56 -14.04 -1.94 -19.61
C GLU A 56 -14.85 -0.84 -18.95
N ALA A 57 -14.32 -0.27 -17.88
CA ALA A 57 -14.93 0.77 -17.04
C ALA A 57 -15.11 2.10 -17.79
N ARG A 58 -14.09 2.57 -18.52
CA ARG A 58 -14.09 3.83 -19.30
C ARG A 58 -14.91 3.65 -20.58
N ASP A 59 -15.19 4.76 -21.26
CA ASP A 59 -15.89 4.77 -22.57
C ASP A 59 -14.89 4.56 -23.71
N ARG A 60 -13.66 4.11 -23.42
CA ARG A 60 -12.64 3.96 -24.47
C ARG A 60 -11.73 2.82 -24.07
N VAL A 61 -10.88 2.41 -25.01
CA VAL A 61 -9.81 1.40 -24.80
C VAL A 61 -8.45 2.13 -24.66
N GLY A 62 -7.44 1.42 -24.18
CA GLY A 62 -6.06 1.92 -24.07
C GLY A 62 -5.61 2.07 -22.64
N GLY A 63 -6.51 2.27 -21.68
CA GLY A 63 -6.19 2.42 -20.24
C GLY A 63 -5.16 3.52 -19.95
N ARG A 64 -3.94 3.13 -19.59
CA ARG A 64 -2.81 4.03 -19.19
C ARG A 64 -2.14 4.58 -20.44
N THR A 65 -2.62 4.20 -21.65
CA THR A 65 -2.32 4.92 -22.91
C THR A 65 -3.59 5.67 -23.27
N CYS A 66 -3.49 6.88 -23.81
CA CYS A 66 -4.64 7.79 -24.01
C CYS A 66 -4.21 8.89 -24.94
N THR A 67 -4.88 9.03 -26.09
CA THR A 67 -4.52 10.01 -27.13
C THR A 67 -5.72 10.89 -27.43
N GLU A 68 -5.49 12.20 -27.47
CA GLU A 68 -6.45 13.27 -27.80
C GLU A 68 -5.88 14.09 -28.95
N GLU A 69 -6.72 14.54 -29.88
CA GLU A 69 -6.35 15.51 -30.96
C GLU A 69 -6.37 16.94 -30.39
N HIS A 70 -5.26 17.68 -30.49
CA HIS A 70 -5.15 19.12 -30.10
C HIS A 70 -4.15 19.83 -31.01
N HIS A 71 -4.53 20.98 -31.58
CA HIS A 71 -3.65 21.87 -32.39
C HIS A 71 -3.16 21.15 -33.66
N GLY A 72 -4.01 20.30 -34.25
CA GLY A 72 -3.73 19.65 -35.54
C GLY A 72 -2.85 18.41 -35.37
N THR A 73 -2.65 17.90 -34.14
CA THR A 73 -1.73 16.76 -33.89
C THR A 73 -2.21 15.89 -32.72
N TRP A 74 -1.49 14.82 -32.43
CA TRP A 74 -1.84 13.80 -31.41
C TRP A 74 -1.11 14.17 -30.12
N ILE A 75 -1.82 14.09 -29.00
CA ILE A 75 -1.33 14.39 -27.63
C ILE A 75 -1.48 13.10 -26.82
N ASP A 76 -0.35 12.42 -26.59
CA ASP A 76 -0.24 11.23 -25.71
C ASP A 76 -0.20 11.70 -24.26
N LEU A 77 -1.35 11.63 -23.57
CA LEU A 77 -1.47 11.97 -22.12
C LEU A 77 -0.90 10.81 -21.30
N GLY A 78 -0.88 9.61 -21.86
CA GLY A 78 -0.27 8.43 -21.20
C GLY A 78 1.00 7.99 -21.93
N GLY A 79 1.34 6.69 -21.84
CA GLY A 79 2.54 6.12 -22.46
C GLY A 79 2.68 6.49 -23.91
N GLN A 80 3.88 6.86 -24.39
CA GLN A 80 4.04 7.32 -25.77
C GLN A 80 5.20 6.63 -26.48
N TRP A 81 6.22 6.20 -25.72
CA TRP A 81 7.56 5.79 -26.21
C TRP A 81 7.64 4.28 -26.39
N ILE A 82 8.25 3.81 -27.48
CA ILE A 82 8.77 2.42 -27.59
C ILE A 82 10.24 2.54 -28.00
N GLY A 83 11.03 1.51 -27.66
CA GLY A 83 12.46 1.43 -27.95
C GLY A 83 12.92 -0.01 -28.19
N PRO A 84 14.21 -0.20 -28.52
CA PRO A 84 14.72 -1.53 -28.89
C PRO A 84 14.71 -2.44 -27.65
N GLY A 85 14.48 -3.73 -27.88
CA GLY A 85 14.29 -4.75 -26.83
C GLY A 85 12.84 -5.01 -26.51
N GLN A 86 11.95 -4.12 -26.98
CA GLN A 86 10.49 -4.22 -26.76
C GLN A 86 9.86 -4.91 -27.98
N ASP A 87 10.02 -6.24 -28.08
CA ASP A 87 9.74 -7.10 -29.27
C ASP A 87 8.25 -7.13 -29.58
N ARG A 88 7.43 -7.14 -28.53
CA ARG A 88 5.99 -7.49 -28.66
C ARG A 88 5.20 -6.28 -29.15
N VAL A 89 5.49 -5.08 -28.65
CA VAL A 89 4.76 -3.85 -29.08
C VAL A 89 5.25 -3.51 -30.50
N ALA A 90 6.53 -3.76 -30.80
CA ALA A 90 7.08 -3.46 -32.14
C ALA A 90 6.41 -4.42 -33.14
N ALA A 91 6.25 -5.70 -32.80
CA ALA A 91 5.39 -6.66 -33.54
C ALA A 91 3.94 -6.18 -33.69
N LEU A 92 3.31 -5.63 -32.64
CA LEU A 92 1.89 -5.21 -32.68
C LEU A 92 1.76 -4.03 -33.64
N ALA A 93 2.65 -3.03 -33.51
CA ALA A 93 2.56 -1.78 -34.31
C ALA A 93 2.66 -2.18 -35.77
N ALA A 94 3.57 -3.10 -36.06
CA ALA A 94 3.90 -3.51 -37.44
C ALA A 94 2.73 -4.34 -37.98
N GLU A 95 2.26 -5.30 -37.20
CA GLU A 95 1.07 -6.11 -37.59
C GLU A 95 -0.08 -5.19 -38.02
N LEU A 96 -0.33 -4.11 -37.27
CA LEU A 96 -1.58 -3.32 -37.34
C LEU A 96 -1.38 -2.01 -38.12
N GLY A 97 -0.25 -1.86 -38.84
CA GLY A 97 0.00 -0.79 -39.82
C GLY A 97 0.18 0.59 -39.17
N VAL A 98 0.90 0.65 -38.03
CA VAL A 98 1.20 1.93 -37.31
C VAL A 98 2.68 2.26 -37.47
N GLU A 99 2.94 3.45 -37.96
CA GLU A 99 4.28 3.95 -38.28
C GLU A 99 4.86 4.55 -36.99
N THR A 100 6.17 4.61 -36.92
CA THR A 100 6.96 5.11 -35.78
C THR A 100 7.70 6.35 -36.30
N TYR A 101 8.15 7.23 -35.40
CA TYR A 101 9.09 8.33 -35.70
C TYR A 101 10.04 8.38 -34.52
N PRO A 102 11.30 8.79 -34.70
CA PRO A 102 12.24 8.91 -33.60
C PRO A 102 11.96 10.09 -32.67
N GLN A 103 12.26 9.89 -31.38
CA GLN A 103 12.43 11.01 -30.43
C GLN A 103 13.62 11.84 -30.90
N PRO A 104 13.44 13.18 -31.14
CA PRO A 104 14.55 14.04 -31.54
C PRO A 104 15.68 14.02 -30.50
N THR A 105 16.91 14.12 -30.99
CA THR A 105 18.18 13.80 -30.29
C THR A 105 19.12 15.02 -30.33
N GLU A 106 19.06 15.80 -31.41
CA GLU A 106 19.96 16.93 -31.75
C GLU A 106 19.64 18.16 -30.90
N GLY A 107 20.64 19.06 -30.74
CA GLY A 107 20.55 20.32 -29.96
C GLY A 107 21.35 20.27 -28.67
N ASP A 108 21.72 21.43 -28.13
CA ASP A 108 22.35 21.51 -26.79
C ASP A 108 21.28 21.26 -25.70
N ASP A 109 21.57 20.30 -24.81
CA ASP A 109 20.80 20.08 -23.55
C ASP A 109 21.23 21.20 -22.58
N VAL A 110 20.39 21.47 -21.57
CA VAL A 110 20.64 22.44 -20.48
C VAL A 110 20.54 21.68 -19.17
N VAL A 111 21.53 21.82 -18.28
CA VAL A 111 21.50 21.26 -16.89
C VAL A 111 21.56 22.45 -15.94
N LEU A 112 20.78 22.40 -14.85
CA LEU A 112 20.64 23.43 -13.78
C LEU A 112 20.64 22.77 -12.39
N PHE A 113 21.65 23.11 -11.57
CA PHE A 113 21.79 22.73 -10.13
C PHE A 113 21.60 23.96 -9.23
N GLY A 114 20.75 23.83 -8.19
CA GLY A 114 20.58 24.80 -7.09
C GLY A 114 20.29 26.20 -7.60
N ASP A 115 20.78 27.21 -6.90
CA ASP A 115 20.69 28.64 -7.31
C ASP A 115 21.91 28.97 -8.18
N GLY A 116 22.42 27.97 -8.90
CA GLY A 116 23.41 28.12 -9.99
C GLY A 116 22.75 28.63 -11.27
N GLU A 117 23.54 28.86 -12.32
CA GLU A 117 23.06 29.32 -13.65
C GLU A 117 22.86 28.09 -14.51
N PRO A 118 22.09 28.18 -15.63
CA PRO A 118 21.95 27.05 -16.55
C PRO A 118 23.21 26.84 -17.40
N GLN A 119 23.58 25.57 -17.64
CA GLN A 119 24.79 25.13 -18.39
C GLN A 119 24.34 24.43 -19.69
N ARG A 120 24.78 24.95 -20.83
CA ARG A 120 24.56 24.35 -22.17
C ARG A 120 25.70 23.38 -22.49
N ALA A 121 25.34 22.12 -22.74
CA ALA A 121 26.26 21.08 -23.25
C ALA A 121 25.57 20.38 -24.41
N PRO A 122 26.33 19.67 -25.29
CA PRO A 122 25.74 18.95 -26.42
C PRO A 122 25.06 17.68 -25.92
N ASP A 123 25.38 17.25 -24.69
CA ASP A 123 24.65 16.20 -23.94
C ASP A 123 24.78 16.48 -22.44
N VAL A 124 23.67 16.33 -21.71
CA VAL A 124 23.60 16.34 -20.22
C VAL A 124 24.91 15.86 -19.58
N ALA A 125 25.40 14.69 -19.98
CA ALA A 125 26.59 14.01 -19.41
C ALA A 125 27.76 15.01 -19.24
N LEU A 126 27.92 15.90 -20.22
CA LEU A 126 29.09 16.81 -20.34
C LEU A 126 28.92 18.04 -19.46
N ALA A 127 27.99 18.06 -18.49
CA ALA A 127 27.90 19.14 -17.48
C ALA A 127 28.47 18.65 -16.14
N PHE A 128 29.00 17.43 -16.15
CA PHE A 128 29.60 16.78 -14.96
C PHE A 128 31.09 16.59 -15.25
N SER A 129 31.89 16.62 -14.19
CA SER A 129 33.34 16.29 -14.21
C SER A 129 33.55 14.85 -14.70
N ASP A 130 34.80 14.57 -15.10
CA ASP A 130 35.40 13.22 -15.26
C ASP A 130 35.04 12.34 -14.05
N GLU A 131 35.38 12.79 -12.84
CA GLU A 131 35.07 12.06 -11.58
C GLU A 131 33.57 11.71 -11.61
N GLU A 132 32.71 12.71 -11.76
CA GLU A 132 31.25 12.58 -11.52
C GLU A 132 30.67 11.53 -12.47
N LEU A 133 31.18 11.45 -13.69
CA LEU A 133 30.64 10.59 -14.77
C LEU A 133 31.02 9.13 -14.49
N THR A 134 32.32 8.85 -14.37
CA THR A 134 32.89 7.62 -13.78
C THR A 134 31.96 7.07 -12.69
N ALA A 135 31.81 7.76 -11.57
CA ALA A 135 31.06 7.28 -10.39
C ALA A 135 29.61 6.97 -10.79
N TYR A 136 29.01 7.76 -11.68
CA TYR A 136 27.63 7.58 -12.18
C TYR A 136 27.49 6.23 -12.90
N LEU A 137 28.33 5.99 -13.91
CA LEU A 137 28.36 4.77 -14.75
C LEU A 137 28.76 3.55 -13.91
N GLU A 138 29.60 3.75 -12.86
CA GLU A 138 29.99 2.68 -11.90
C GLU A 138 28.83 2.40 -10.93
N LEU A 139 28.01 3.40 -10.60
CA LEU A 139 26.81 3.20 -9.73
C LEU A 139 25.75 2.42 -10.51
N ALA A 140 25.57 2.74 -11.80
CA ALA A 140 24.64 2.03 -12.73
C ALA A 140 25.11 0.59 -12.94
N GLY A 141 26.39 0.44 -13.31
CA GLY A 141 27.07 -0.87 -13.45
C GLY A 141 26.90 -1.74 -12.23
N ALA A 142 26.87 -1.13 -11.04
CA ALA A 142 26.71 -1.81 -9.73
C ALA A 142 25.27 -2.33 -9.55
N LEU A 143 24.28 -1.53 -9.90
CA LEU A 143 22.85 -1.92 -9.71
C LEU A 143 22.53 -3.03 -10.73
N GLU A 144 23.19 -3.03 -11.89
CA GLU A 144 23.01 -4.03 -12.96
C GLU A 144 23.53 -5.34 -12.41
N ALA A 145 24.60 -5.29 -11.60
CA ALA A 145 25.25 -6.50 -11.06
C ALA A 145 24.21 -7.22 -10.22
N ILE A 146 23.58 -6.49 -9.32
CA ILE A 146 22.48 -7.00 -8.45
C ILE A 146 21.34 -7.51 -9.34
N ALA A 147 20.89 -6.72 -10.32
CA ALA A 147 19.75 -7.03 -11.23
C ALA A 147 19.95 -8.41 -11.89
N GLU A 148 21.11 -8.64 -12.52
CA GLU A 148 21.43 -9.89 -13.27
C GLU A 148 21.20 -11.14 -12.38
N LYS A 149 21.23 -11.02 -11.06
CA LYS A 149 21.04 -12.18 -10.16
C LYS A 149 19.59 -12.34 -9.71
N VAL A 150 18.66 -11.51 -10.20
CA VAL A 150 17.23 -11.49 -9.73
C VAL A 150 16.39 -12.20 -10.78
N PRO A 151 15.77 -13.36 -10.46
CA PRO A 151 14.97 -14.08 -11.44
C PRO A 151 13.74 -13.27 -11.84
N LEU A 152 13.52 -13.06 -13.14
CA LEU A 152 12.41 -12.20 -13.66
C LEU A 152 11.05 -12.77 -13.25
N ASP A 153 10.94 -14.08 -13.08
CA ASP A 153 9.64 -14.75 -12.79
C ASP A 153 9.44 -14.88 -11.27
N ALA A 154 10.45 -14.59 -10.45
CA ALA A 154 10.45 -14.93 -9.01
C ALA A 154 11.53 -14.15 -8.30
N PRO A 155 11.40 -12.81 -8.23
CA PRO A 155 12.34 -11.98 -7.48
C PRO A 155 12.69 -12.47 -6.07
N TRP A 156 11.69 -13.04 -5.39
CA TRP A 156 11.80 -13.63 -4.04
C TRP A 156 12.87 -14.73 -4.00
N LEU A 157 13.27 -15.29 -5.15
CA LEU A 157 14.19 -16.46 -5.21
C LEU A 157 15.61 -16.02 -5.56
N ALA A 158 15.91 -14.73 -5.66
CA ALA A 158 17.32 -14.28 -5.75
C ALA A 158 18.02 -14.86 -4.52
N PRO A 159 19.32 -15.23 -4.57
CA PRO A 159 20.02 -15.72 -3.38
C PRO A 159 20.13 -14.69 -2.23
N GLU A 160 20.24 -13.41 -2.56
CA GLU A 160 20.37 -12.30 -1.59
C GLU A 160 19.00 -11.63 -1.31
N ALA A 161 17.89 -12.36 -1.50
CA ALA A 161 16.51 -11.81 -1.52
C ALA A 161 16.17 -11.20 -0.15
N ALA A 162 16.46 -11.91 0.93
CA ALA A 162 16.36 -11.43 2.31
C ALA A 162 16.96 -10.03 2.44
N ALA A 163 18.23 -9.88 2.08
CA ALA A 163 18.96 -8.62 2.31
C ALA A 163 18.36 -7.56 1.41
N TRP A 164 18.09 -7.93 0.17
CA TRP A 164 17.73 -6.93 -0.87
C TRP A 164 16.30 -6.38 -0.63
N ASP A 165 15.41 -7.16 -0.05
CA ASP A 165 13.98 -6.79 0.18
C ASP A 165 13.82 -6.03 1.50
N ALA A 166 14.83 -6.06 2.36
CA ALA A 166 14.83 -5.31 3.63
C ALA A 166 15.50 -3.95 3.44
N THR A 167 16.02 -3.67 2.25
CA THR A 167 16.86 -2.47 1.95
C THR A 167 16.13 -1.62 0.91
N THR A 168 16.04 -0.30 1.13
CA THR A 168 15.51 0.72 0.19
C THR A 168 16.58 0.98 -0.86
N LEU A 169 16.19 1.50 -2.02
CA LEU A 169 17.20 1.89 -3.03
C LEU A 169 18.02 3.01 -2.39
N ARG A 170 17.41 3.89 -1.57
CA ARG A 170 18.11 5.10 -1.04
C ARG A 170 19.29 4.63 -0.17
N GLU A 171 18.98 3.77 0.81
CA GLU A 171 19.99 3.10 1.68
C GLU A 171 21.20 2.62 0.82
N TRP A 172 20.92 1.92 -0.30
CA TRP A 172 21.98 1.29 -1.13
C TRP A 172 22.86 2.37 -1.77
N VAL A 173 22.23 3.34 -2.46
CA VAL A 173 22.91 4.53 -3.07
C VAL A 173 23.86 5.15 -2.04
N ALA A 174 23.38 5.36 -0.79
CA ALA A 174 24.11 6.02 0.31
C ALA A 174 25.36 5.21 0.66
N GLY A 175 25.29 3.88 0.49
CA GLY A 175 26.41 2.93 0.67
C GLY A 175 27.52 3.19 -0.34
N THR A 176 27.17 3.46 -1.60
CA THR A 176 28.13 3.62 -2.73
C THR A 176 29.12 4.75 -2.44
N GLY A 177 28.86 5.59 -1.41
CA GLY A 177 29.68 6.77 -1.06
C GLY A 177 29.91 7.67 -2.27
N VAL A 178 28.85 7.86 -3.08
CA VAL A 178 28.88 8.71 -4.31
C VAL A 178 28.67 10.16 -3.89
N PRO A 179 29.25 11.16 -4.61
CA PRO A 179 29.04 12.57 -4.26
C PRO A 179 27.57 13.00 -4.42
N ASP A 180 27.19 14.11 -3.79
CA ASP A 180 25.79 14.60 -3.72
C ASP A 180 25.25 14.83 -5.13
N ARG A 181 26.08 15.34 -6.05
CA ARG A 181 25.68 15.76 -7.42
C ARG A 181 25.42 14.51 -8.27
N VAL A 182 26.11 13.40 -7.97
CA VAL A 182 25.93 12.10 -8.69
C VAL A 182 24.75 11.38 -8.03
N ALA A 183 24.53 11.56 -6.74
CA ALA A 183 23.34 11.00 -6.04
C ALA A 183 22.10 11.77 -6.51
N GLY A 184 22.22 13.06 -6.82
CA GLY A 184 21.13 13.92 -7.31
C GLY A 184 20.72 13.54 -8.72
N LEU A 185 21.71 13.29 -9.57
CA LEU A 185 21.52 12.91 -10.99
C LEU A 185 20.81 11.55 -11.02
N PHE A 186 21.33 10.58 -10.25
CA PHE A 186 20.76 9.22 -10.15
C PHE A 186 19.32 9.29 -9.63
N GLU A 187 19.04 10.22 -8.70
CA GLU A 187 17.68 10.43 -8.14
C GLU A 187 16.71 10.95 -9.23
N VAL A 188 17.15 11.82 -10.14
CA VAL A 188 16.28 12.33 -11.25
C VAL A 188 15.92 11.13 -12.18
N ALA A 189 16.86 10.24 -12.46
CA ALA A 189 16.67 9.03 -13.31
C ALA A 189 15.76 8.04 -12.59
N VAL A 190 15.97 7.84 -11.29
CA VAL A 190 15.06 6.96 -10.51
C VAL A 190 13.62 7.50 -10.61
N GLN A 191 13.39 8.80 -10.43
CA GLN A 191 12.01 9.35 -10.30
C GLN A 191 11.35 9.37 -11.69
N ALA A 192 12.14 9.55 -12.74
CA ALA A 192 11.72 9.50 -14.16
C ALA A 192 11.39 8.07 -14.61
N VAL A 193 12.00 7.04 -14.00
CA VAL A 193 11.68 5.62 -14.32
C VAL A 193 10.55 5.07 -13.44
N PHE A 194 10.47 5.37 -12.13
CA PHE A 194 9.51 4.67 -11.24
C PHE A 194 8.35 5.56 -10.77
N ALA A 195 8.42 6.86 -10.98
CA ALA A 195 7.42 7.85 -10.51
C ALA A 195 7.28 7.74 -8.98
N ALA A 196 8.40 7.49 -8.32
CA ALA A 196 8.60 7.31 -6.86
C ALA A 196 10.08 7.55 -6.55
N THR A 197 10.43 8.03 -5.33
CA THR A 197 11.83 8.33 -4.90
C THR A 197 12.57 7.02 -4.58
N SER A 198 13.90 7.09 -4.41
CA SER A 198 14.76 5.93 -4.06
C SER A 198 14.34 5.36 -2.71
N ALA A 199 13.67 6.15 -1.88
CA ALA A 199 13.32 5.81 -0.50
C ALA A 199 12.09 4.93 -0.46
N GLN A 200 11.23 5.03 -1.45
CA GLN A 200 9.92 4.32 -1.47
C GLN A 200 10.09 2.88 -1.95
N LEU A 201 11.20 2.58 -2.66
CA LEU A 201 11.42 1.30 -3.40
C LEU A 201 12.35 0.41 -2.58
N SER A 202 12.06 -0.89 -2.47
CA SER A 202 13.03 -1.90 -2.01
C SER A 202 14.15 -1.97 -3.05
N LEU A 203 15.37 -2.30 -2.64
CA LEU A 203 16.47 -2.54 -3.60
C LEU A 203 16.09 -3.70 -4.54
N LEU A 204 15.34 -4.68 -4.02
CA LEU A 204 15.01 -5.90 -4.79
C LEU A 204 14.02 -5.53 -5.91
N HIS A 205 13.05 -4.65 -5.64
CA HIS A 205 12.10 -4.18 -6.68
C HIS A 205 12.87 -3.43 -7.76
N ALA A 206 13.81 -2.58 -7.38
CA ALA A 206 14.50 -1.72 -8.37
C ALA A 206 15.31 -2.64 -9.29
N ALA A 207 15.98 -3.62 -8.67
CA ALA A 207 16.91 -4.59 -9.30
C ALA A 207 16.12 -5.49 -10.24
N HIS A 208 14.98 -5.98 -9.78
CA HIS A 208 14.07 -6.75 -10.68
C HIS A 208 13.71 -5.89 -11.91
N TYR A 209 13.37 -4.60 -11.72
CA TYR A 209 12.83 -3.74 -12.81
C TYR A 209 13.93 -3.49 -13.86
N VAL A 210 15.21 -3.45 -13.47
CA VAL A 210 16.38 -3.13 -14.34
C VAL A 210 16.74 -4.40 -15.13
N HIS A 211 16.69 -5.54 -14.45
CA HIS A 211 16.84 -6.86 -15.09
C HIS A 211 15.76 -6.99 -16.17
N SER A 212 14.50 -6.72 -15.80
CA SER A 212 13.32 -6.86 -16.68
C SER A 212 13.47 -6.05 -17.96
N ALA A 213 14.12 -4.90 -17.86
CA ALA A 213 14.23 -3.94 -18.99
C ALA A 213 15.49 -4.24 -19.80
N GLY A 214 16.42 -5.04 -19.25
CA GLY A 214 17.76 -5.26 -19.86
C GLY A 214 18.79 -4.18 -19.49
N GLY A 215 18.70 -3.55 -18.31
CA GLY A 215 19.75 -2.68 -17.76
C GLY A 215 19.38 -1.20 -17.73
N TRP A 216 20.22 -0.41 -17.05
CA TRP A 216 19.95 0.99 -16.65
C TRP A 216 19.81 1.91 -17.86
N SER A 217 20.73 1.76 -18.83
CA SER A 217 20.77 2.53 -20.10
C SER A 217 19.52 2.22 -20.96
N LYS A 218 19.03 0.99 -20.88
CA LYS A 218 17.76 0.59 -21.54
C LYS A 218 16.60 1.43 -20.95
N LEU A 219 16.58 1.67 -19.64
CA LEU A 219 15.48 2.46 -19.06
C LEU A 219 15.66 3.97 -19.33
N THR A 220 16.90 4.49 -19.35
CA THR A 220 17.20 5.94 -19.26
C THR A 220 17.48 6.58 -20.63
N ASP A 221 17.96 5.81 -21.61
CA ASP A 221 18.52 6.42 -22.85
C ASP A 221 17.37 6.64 -23.82
N THR A 222 17.52 7.63 -24.68
CA THR A 222 16.70 7.87 -25.89
C THR A 222 17.18 6.93 -27.01
N GLU A 223 18.28 7.26 -27.69
CA GLU A 223 18.85 6.45 -28.77
C GLU A 223 19.36 5.17 -28.09
N GLY A 224 18.88 4.01 -28.53
CA GLY A 224 19.17 2.68 -27.94
C GLY A 224 18.38 2.41 -26.66
N GLY A 225 17.42 3.28 -26.30
CA GLY A 225 16.68 3.19 -25.02
C GLY A 225 15.15 3.22 -25.16
N ALA A 226 14.46 3.19 -24.01
CA ALA A 226 12.99 3.13 -23.88
C ALA A 226 12.34 4.40 -24.50
N GLN A 227 13.08 5.50 -24.67
CA GLN A 227 12.51 6.75 -25.20
C GLN A 227 12.93 6.96 -26.66
N GLN A 228 13.31 5.90 -27.37
CA GLN A 228 13.82 6.02 -28.75
C GLN A 228 12.71 6.48 -29.73
N ASP A 229 11.55 5.83 -29.73
CA ASP A 229 10.56 6.04 -30.83
C ASP A 229 9.18 6.32 -30.28
N ARG A 230 8.36 6.98 -31.12
CA ARG A 230 6.94 7.34 -30.87
C ARG A 230 6.14 6.72 -32.02
N LEU A 231 4.81 6.69 -31.89
CA LEU A 231 3.90 6.19 -32.95
C LEU A 231 3.22 7.40 -33.62
N VAL A 232 3.30 7.52 -34.95
CA VAL A 232 2.53 8.53 -35.76
C VAL A 232 1.05 8.37 -35.42
N GLY A 233 0.40 9.45 -34.98
CA GLY A 233 -1.01 9.50 -34.51
C GLY A 233 -1.21 9.02 -33.08
N GLY A 234 -0.16 8.60 -32.36
CA GLY A 234 -0.15 8.34 -30.91
C GLY A 234 -0.44 6.89 -30.54
N VAL A 235 -0.41 6.55 -29.25
CA VAL A 235 -0.53 5.12 -28.83
C VAL A 235 -2.01 4.68 -28.79
N GLN A 236 -2.98 5.52 -28.41
CA GLN A 236 -4.38 5.04 -28.17
C GLN A 236 -4.95 4.37 -29.43
N PRO A 237 -4.69 4.89 -30.66
CA PRO A 237 -5.15 4.21 -31.88
C PRO A 237 -4.67 2.75 -32.09
N LEU A 238 -3.45 2.44 -31.67
CA LEU A 238 -2.90 1.06 -31.74
C LEU A 238 -3.78 0.14 -30.90
N ALA A 239 -4.18 0.57 -29.71
CA ALA A 239 -5.11 -0.17 -28.83
C ALA A 239 -6.47 -0.35 -29.52
N GLU A 240 -6.92 0.63 -30.30
CA GLU A 240 -8.23 0.60 -30.98
C GLU A 240 -8.20 -0.43 -32.11
N ARG A 241 -7.10 -0.44 -32.86
CA ARG A 241 -6.84 -1.41 -33.94
C ARG A 241 -6.80 -2.82 -33.35
N LEU A 242 -6.14 -3.01 -32.22
CA LEU A 242 -6.13 -4.34 -31.55
C LEU A 242 -7.60 -4.67 -31.18
N ALA A 243 -8.41 -3.69 -30.76
CA ALA A 243 -9.79 -3.95 -30.28
C ALA A 243 -10.70 -4.38 -31.45
N ALA A 244 -10.40 -3.91 -32.67
CA ALA A 244 -11.18 -4.20 -33.89
C ALA A 244 -10.89 -5.63 -34.39
N ARG A 245 -9.93 -6.35 -33.80
CA ARG A 245 -9.68 -7.77 -34.12
C ARG A 245 -10.70 -8.63 -33.35
N LEU A 246 -11.49 -8.02 -32.48
CA LEU A 246 -12.55 -8.70 -31.71
C LEU A 246 -13.85 -8.63 -32.50
N PRO A 247 -14.66 -9.72 -32.47
CA PRO A 247 -15.97 -9.70 -33.15
C PRO A 247 -16.81 -8.60 -32.49
N ASP A 248 -17.76 -8.02 -33.24
CA ASP A 248 -18.73 -7.03 -32.72
C ASP A 248 -19.41 -7.67 -31.52
N GLY A 249 -19.67 -6.88 -30.47
CA GLY A 249 -20.37 -7.34 -29.26
C GLY A 249 -19.43 -7.91 -28.22
N ALA A 250 -18.16 -8.22 -28.55
CA ALA A 250 -17.15 -8.76 -27.60
C ALA A 250 -16.70 -7.69 -26.57
N LEU A 251 -16.49 -6.46 -27.03
CA LEU A 251 -16.04 -5.32 -26.18
C LEU A 251 -17.26 -4.61 -25.57
N ARG A 252 -17.35 -4.53 -24.24
CA ARG A 252 -18.39 -3.72 -23.54
C ARG A 252 -17.73 -2.52 -22.87
N LEU A 253 -18.04 -1.30 -23.34
CA LEU A 253 -17.49 -0.01 -22.81
C LEU A 253 -18.40 0.56 -21.71
N SER A 254 -17.86 1.48 -20.91
CA SER A 254 -18.59 2.14 -19.82
C SER A 254 -19.23 1.05 -18.97
N THR A 255 -18.55 -0.07 -18.73
CA THR A 255 -19.11 -1.26 -18.05
C THR A 255 -18.17 -1.71 -16.95
N PRO A 256 -18.08 -0.96 -15.81
CA PRO A 256 -17.15 -1.28 -14.73
C PRO A 256 -17.49 -2.60 -14.07
N VAL A 257 -16.47 -3.41 -13.73
CA VAL A 257 -16.73 -4.66 -12.99
C VAL A 257 -16.68 -4.36 -11.50
N ARG A 258 -17.84 -4.49 -10.84
CA ARG A 258 -18.01 -4.21 -9.40
C ARG A 258 -17.72 -5.47 -8.60
N GLY A 259 -18.04 -6.63 -9.14
CA GLY A 259 -18.03 -7.90 -8.38
C GLY A 259 -17.66 -9.09 -9.22
N LEU A 260 -17.01 -10.07 -8.60
CA LEU A 260 -16.48 -11.29 -9.27
C LEU A 260 -16.66 -12.50 -8.34
N ALA A 261 -17.65 -13.36 -8.65
CA ALA A 261 -18.04 -14.56 -7.88
C ALA A 261 -17.56 -15.80 -8.63
N GLN A 262 -17.31 -16.89 -7.91
CA GLN A 262 -16.77 -18.11 -8.51
C GLN A 262 -17.17 -19.33 -7.68
N ASP A 263 -17.39 -20.45 -8.36
CA ASP A 263 -17.59 -21.78 -7.74
C ASP A 263 -16.82 -22.79 -8.61
N GLY A 264 -16.84 -24.07 -8.25
CA GLY A 264 -16.19 -25.14 -9.03
C GLY A 264 -16.67 -25.24 -10.47
N ASP A 265 -17.75 -24.54 -10.87
CA ASP A 265 -18.36 -24.62 -12.23
C ASP A 265 -17.98 -23.40 -13.06
N GLY A 266 -17.78 -22.22 -12.48
CA GLY A 266 -17.50 -21.03 -13.31
C GLY A 266 -17.50 -19.75 -12.51
N VAL A 267 -17.63 -18.61 -13.18
CA VAL A 267 -17.47 -17.27 -12.54
C VAL A 267 -18.63 -16.37 -12.98
N THR A 268 -19.22 -15.67 -12.01
CA THR A 268 -20.32 -14.70 -12.19
C THR A 268 -19.74 -13.29 -12.02
N VAL A 269 -19.82 -12.48 -13.08
CA VAL A 269 -19.30 -11.09 -13.09
C VAL A 269 -20.49 -10.16 -12.98
N ARG A 270 -20.61 -9.50 -11.83
CA ARG A 270 -21.65 -8.47 -11.56
C ARG A 270 -21.11 -7.11 -11.99
N THR A 271 -21.78 -6.48 -12.96
CA THR A 271 -21.61 -5.06 -13.33
C THR A 271 -22.83 -4.32 -12.78
N ALA A 272 -22.88 -3.00 -12.97
CA ALA A 272 -24.10 -2.21 -12.78
C ALA A 272 -24.94 -2.35 -14.06
N GLY A 273 -26.21 -2.74 -13.89
CA GLY A 273 -27.13 -3.04 -15.01
C GLY A 273 -26.60 -4.16 -15.88
N GLY A 274 -26.55 -5.39 -15.34
CA GLY A 274 -26.15 -6.63 -16.05
C GLY A 274 -25.50 -7.66 -15.14
N GLU A 275 -25.33 -8.87 -15.65
CA GLU A 275 -24.55 -9.94 -14.97
C GLU A 275 -24.04 -10.89 -16.05
N VAL A 276 -22.73 -11.12 -16.09
CA VAL A 276 -22.06 -11.97 -17.12
C VAL A 276 -21.58 -13.25 -16.44
N ARG A 277 -21.57 -14.36 -17.18
CA ARG A 277 -21.35 -15.70 -16.63
C ARG A 277 -20.38 -16.40 -17.59
N ALA A 278 -19.20 -16.83 -17.12
CA ALA A 278 -18.17 -17.48 -17.96
C ALA A 278 -17.59 -18.70 -17.25
N ARG A 279 -16.67 -19.43 -17.88
CA ARG A 279 -15.90 -20.51 -17.22
C ARG A 279 -14.78 -19.86 -16.38
N ARG A 280 -13.87 -19.10 -17.01
CA ARG A 280 -12.72 -18.44 -16.29
C ARG A 280 -12.64 -16.94 -16.60
N ALA A 281 -11.96 -16.19 -15.70
CA ALA A 281 -11.80 -14.73 -15.78
C ALA A 281 -10.33 -14.37 -15.91
N ILE A 282 -10.04 -13.38 -16.74
CA ILE A 282 -8.75 -12.66 -16.71
C ILE A 282 -9.02 -11.23 -16.22
N VAL A 283 -8.51 -10.90 -15.04
CA VAL A 283 -8.49 -9.53 -14.44
C VAL A 283 -7.18 -8.86 -14.89
N ALA A 284 -7.25 -7.86 -15.76
CA ALA A 284 -6.11 -7.13 -16.36
C ALA A 284 -6.13 -5.64 -15.95
N VAL A 285 -6.42 -5.33 -14.69
CA VAL A 285 -6.44 -3.95 -14.12
C VAL A 285 -5.19 -3.73 -13.26
N PRO A 286 -4.85 -2.45 -12.98
CA PRO A 286 -3.83 -2.13 -11.97
C PRO A 286 -4.08 -2.76 -10.59
N PRO A 287 -3.04 -3.30 -9.93
CA PRO A 287 -3.22 -4.11 -8.71
C PRO A 287 -4.21 -3.51 -7.71
N THR A 288 -4.03 -2.23 -7.38
CA THR A 288 -4.86 -1.53 -6.37
C THR A 288 -6.32 -1.54 -6.82
N LEU A 289 -6.61 -1.47 -8.12
CA LEU A 289 -8.00 -1.57 -8.66
C LEU A 289 -8.44 -3.03 -8.65
N ALA A 290 -7.51 -3.97 -8.77
CA ALA A 290 -7.89 -5.41 -8.77
C ALA A 290 -8.52 -5.80 -7.41
N GLY A 291 -7.98 -5.31 -6.30
CA GLY A 291 -8.44 -5.65 -4.94
C GLY A 291 -9.69 -4.91 -4.52
N ARG A 292 -10.10 -3.88 -5.29
CA ARG A 292 -11.33 -3.11 -5.05
C ARG A 292 -12.56 -3.93 -5.50
N ILE A 293 -12.38 -4.89 -6.42
CA ILE A 293 -13.49 -5.77 -6.91
C ILE A 293 -14.04 -6.60 -5.73
N ASP A 294 -15.37 -6.72 -5.64
CA ASP A 294 -16.04 -7.63 -4.67
C ASP A 294 -15.83 -9.06 -5.18
N HIS A 295 -14.82 -9.71 -4.62
CA HIS A 295 -14.44 -11.12 -4.89
C HIS A 295 -15.26 -12.01 -3.97
N ASP A 296 -15.90 -13.04 -4.51
CA ASP A 296 -16.59 -14.09 -3.72
C ASP A 296 -16.22 -15.46 -4.29
N PRO A 297 -15.53 -16.37 -3.53
CA PRO A 297 -15.15 -16.11 -2.14
C PRO A 297 -14.12 -15.00 -2.09
N PRO A 298 -13.87 -14.40 -0.89
CA PRO A 298 -12.83 -13.38 -0.74
C PRO A 298 -11.45 -13.92 -1.18
N LEU A 299 -10.60 -13.08 -1.75
CA LEU A 299 -9.24 -13.48 -2.20
C LEU A 299 -8.51 -14.10 -1.01
N PRO A 300 -7.53 -15.01 -1.23
CA PRO A 300 -6.67 -15.48 -0.15
C PRO A 300 -5.96 -14.26 0.44
N PRO A 301 -5.68 -14.21 1.77
CA PRO A 301 -5.07 -13.07 2.44
C PRO A 301 -3.70 -12.59 1.92
N GLN A 302 -2.88 -13.51 1.42
CA GLN A 302 -1.51 -13.20 0.93
C GLN A 302 -1.68 -12.31 -0.28
N ARG A 303 -2.69 -12.61 -1.11
CA ARG A 303 -2.94 -11.86 -2.38
C ARG A 303 -3.61 -10.51 -2.07
N ASP A 304 -4.59 -10.48 -1.16
CA ASP A 304 -5.25 -9.22 -0.76
C ASP A 304 -4.18 -8.31 -0.19
N GLN A 305 -3.33 -8.86 0.68
CA GLN A 305 -2.28 -8.05 1.33
C GLN A 305 -1.18 -7.73 0.30
N LEU A 306 -0.86 -8.61 -0.67
CA LEU A 306 0.09 -8.19 -1.74
C LEU A 306 -0.41 -6.87 -2.34
N LEU A 307 -1.70 -6.74 -2.64
CA LEU A 307 -2.23 -5.58 -3.42
C LEU A 307 -2.17 -4.32 -2.55
N GLN A 308 -2.41 -4.42 -1.23
CA GLN A 308 -2.22 -3.33 -0.22
C GLN A 308 -0.75 -2.88 -0.19
N HIS A 309 0.16 -3.72 -0.67
CA HIS A 309 1.62 -3.49 -0.69
C HIS A 309 2.11 -3.20 -2.11
N MET A 310 1.22 -2.94 -3.10
CA MET A 310 1.61 -2.62 -4.51
C MET A 310 1.07 -1.25 -4.90
N PRO A 311 1.44 -0.19 -4.16
CA PRO A 311 0.99 1.16 -4.50
C PRO A 311 1.41 1.58 -5.91
N GLN A 312 0.50 2.27 -6.60
CA GLN A 312 0.81 2.93 -7.91
C GLN A 312 1.74 4.13 -7.64
N GLY A 313 2.58 4.48 -8.60
CA GLY A 313 3.42 5.67 -8.55
C GLY A 313 2.61 6.94 -8.73
N SER A 314 3.30 8.07 -8.78
CA SER A 314 2.74 9.43 -8.79
C SER A 314 3.34 10.27 -9.92
N VAL A 315 2.55 10.60 -10.94
CA VAL A 315 3.05 11.33 -12.13
C VAL A 315 1.93 12.23 -12.65
N VAL A 316 2.31 13.44 -13.00
CA VAL A 316 1.51 14.39 -13.80
C VAL A 316 2.38 14.54 -15.03
N LYS A 317 1.85 14.14 -16.18
CA LYS A 317 2.50 14.27 -17.50
C LYS A 317 1.90 15.50 -18.20
N PHE A 318 2.76 16.29 -18.85
CA PHE A 318 2.41 17.58 -19.46
C PHE A 318 3.08 17.72 -20.82
N HIS A 319 2.46 18.59 -21.61
CA HIS A 319 2.83 19.04 -22.96
C HIS A 319 2.62 20.56 -22.98
N VAL A 320 3.72 21.31 -23.00
CA VAL A 320 3.66 22.79 -23.18
C VAL A 320 3.62 23.05 -24.68
N ILE A 321 2.66 23.89 -25.14
CA ILE A 321 2.38 24.07 -26.58
C ILE A 321 2.82 25.47 -26.94
N TYR A 322 3.77 25.58 -27.87
CA TYR A 322 4.20 26.83 -28.53
C TYR A 322 3.80 26.79 -30.01
N ASP A 323 3.63 27.95 -30.62
CA ASP A 323 3.38 28.05 -32.08
C ASP A 323 4.52 27.36 -32.81
N GLU A 324 5.75 27.44 -32.28
CA GLU A 324 6.91 26.81 -32.96
C GLU A 324 7.94 26.28 -31.96
N PRO A 325 8.77 25.30 -32.39
CA PRO A 325 9.90 24.82 -31.59
C PRO A 325 11.07 25.82 -31.64
N TRP A 326 10.87 26.95 -30.99
CA TRP A 326 11.73 28.16 -31.06
C TRP A 326 13.10 27.88 -30.45
N TRP A 327 13.21 26.83 -29.62
CA TRP A 327 14.46 26.42 -28.94
C TRP A 327 15.46 25.87 -29.96
N ARG A 328 14.97 25.14 -30.98
CA ARG A 328 15.81 24.54 -32.05
C ARG A 328 16.59 25.66 -32.74
N ALA A 329 15.92 26.76 -33.11
CA ALA A 329 16.55 27.96 -33.74
C ALA A 329 17.69 28.50 -32.84
N GLU A 330 17.68 28.24 -31.53
CA GLU A 330 18.79 28.66 -30.64
C GLU A 330 19.81 27.53 -30.58
N GLY A 331 19.63 26.48 -31.36
CA GLY A 331 20.49 25.28 -31.32
C GLY A 331 20.23 24.41 -30.10
N LEU A 332 19.04 24.51 -29.51
CA LEU A 332 18.69 23.80 -28.26
C LEU A 332 17.79 22.60 -28.59
N SER A 333 18.05 21.48 -27.91
CA SER A 333 17.33 20.18 -28.03
C SER A 333 15.91 20.31 -27.48
N GLY A 334 15.75 21.16 -26.47
CA GLY A 334 14.52 21.25 -25.66
C GLY A 334 14.56 20.36 -24.43
N THR A 335 15.66 19.64 -24.19
CA THR A 335 15.87 18.78 -23.00
C THR A 335 16.60 19.62 -21.93
N VAL A 336 15.92 19.83 -20.79
CA VAL A 336 16.52 20.39 -19.55
C VAL A 336 16.53 19.29 -18.49
N LEU A 337 17.55 19.32 -17.63
CA LEU A 337 17.69 18.39 -16.48
C LEU A 337 18.04 19.21 -15.26
N CYS A 338 17.14 19.22 -14.28
CA CYS A 338 17.18 20.10 -13.09
C CYS A 338 16.88 19.22 -11.89
N PRO A 339 17.89 18.71 -11.15
CA PRO A 339 17.62 17.71 -10.11
C PRO A 339 16.98 18.35 -8.87
N ASP A 340 17.16 19.66 -8.68
CA ASP A 340 16.54 20.33 -7.49
C ASP A 340 15.20 20.98 -7.87
N GLU A 341 14.73 20.88 -9.11
CA GLU A 341 13.47 21.58 -9.51
C GLU A 341 12.36 20.56 -9.41
N PRO A 342 11.09 20.97 -9.26
CA PRO A 342 9.97 20.04 -9.22
C PRO A 342 9.72 19.24 -10.53
N ILE A 343 10.36 19.61 -11.65
CA ILE A 343 10.32 18.80 -12.89
C ILE A 343 11.72 18.27 -13.15
N GLY A 344 11.82 16.98 -13.47
CA GLY A 344 13.12 16.29 -13.60
C GLY A 344 13.72 16.56 -14.96
N VAL A 345 13.15 15.91 -15.98
CA VAL A 345 13.66 15.85 -17.38
C VAL A 345 12.56 16.39 -18.30
N THR A 346 12.93 17.13 -19.35
CA THR A 346 12.01 17.50 -20.46
C THR A 346 12.51 16.89 -21.79
N PHE A 347 11.63 16.93 -22.80
CA PHE A 347 11.81 16.29 -24.13
C PHE A 347 11.07 17.11 -25.19
N ASP A 348 11.73 17.38 -26.32
CA ASP A 348 11.09 17.96 -27.52
C ASP A 348 10.01 16.99 -28.05
N GLY A 349 8.76 17.34 -27.90
CA GLY A 349 7.62 16.47 -28.30
C GLY A 349 7.00 16.93 -29.60
N THR A 350 7.69 17.79 -30.36
CA THR A 350 7.20 18.32 -31.66
C THR A 350 6.99 17.14 -32.62
N PRO A 351 5.83 17.01 -33.31
CA PRO A 351 5.64 15.97 -34.32
C PRO A 351 6.51 16.15 -35.56
N PRO A 352 6.52 15.15 -36.49
CA PRO A 352 7.41 15.21 -37.65
C PRO A 352 7.15 16.42 -38.57
N ALA A 353 5.97 17.02 -38.54
CA ALA A 353 5.61 18.17 -39.41
C ALA A 353 6.23 19.47 -38.86
N GLY A 354 6.68 19.51 -37.61
CA GLY A 354 7.55 20.60 -37.13
C GLY A 354 6.79 21.67 -36.37
N THR A 355 5.45 21.65 -36.42
CA THR A 355 4.56 22.44 -35.55
C THR A 355 3.37 21.56 -35.17
N PRO A 356 2.71 21.88 -34.04
CA PRO A 356 3.18 22.93 -33.13
C PRO A 356 4.44 22.47 -32.40
N GLY A 357 5.20 23.39 -31.85
CA GLY A 357 6.32 23.06 -30.95
C GLY A 357 5.76 22.55 -29.62
N ILE A 358 6.32 21.47 -29.10
CA ILE A 358 5.87 20.88 -27.80
C ILE A 358 7.10 20.61 -26.92
N VAL A 359 7.00 21.02 -25.64
CA VAL A 359 7.93 20.56 -24.58
C VAL A 359 7.17 19.63 -23.66
N THR A 360 7.56 18.34 -23.63
CA THR A 360 6.93 17.25 -22.85
C THR A 360 7.75 16.99 -21.58
N GLY A 361 7.06 16.71 -20.46
CA GLY A 361 7.70 16.41 -19.17
C GLY A 361 6.72 15.92 -18.12
N PHE A 362 7.20 15.88 -16.89
CA PHE A 362 6.62 15.10 -15.78
C PHE A 362 6.97 15.78 -14.45
N PHE A 363 6.01 15.81 -13.54
CA PHE A 363 6.25 15.96 -12.09
C PHE A 363 6.17 14.52 -11.59
N GLU A 364 7.16 14.08 -10.83
CA GLU A 364 7.37 12.66 -10.45
C GLU A 364 7.32 12.58 -8.93
N GLY A 365 6.82 11.48 -8.39
CA GLY A 365 6.89 11.23 -6.93
C GLY A 365 6.29 12.39 -6.14
N PRO A 366 6.98 12.88 -5.09
CA PRO A 366 6.44 13.92 -4.19
C PRO A 366 6.04 15.20 -4.93
N ALA A 367 6.79 15.60 -5.97
CA ALA A 367 6.52 16.85 -6.70
C ALA A 367 5.24 16.67 -7.51
N ALA A 368 4.86 15.43 -7.82
CA ALA A 368 3.63 15.11 -8.57
C ALA A 368 2.42 15.19 -7.64
N VAL A 369 2.55 14.70 -6.41
CA VAL A 369 1.47 14.78 -5.37
C VAL A 369 1.17 16.24 -5.05
N ALA A 370 2.21 17.07 -4.84
CA ALA A 370 2.14 18.52 -4.56
C ALA A 370 1.48 19.28 -5.71
N ALA A 371 1.87 18.98 -6.95
CA ALA A 371 1.32 19.58 -8.20
C ALA A 371 -0.15 19.19 -8.41
N GLY A 372 -0.51 17.96 -8.03
CA GLY A 372 -1.84 17.38 -8.24
C GLY A 372 -2.87 18.05 -7.37
N ALA A 373 -2.42 18.66 -6.27
CA ALA A 373 -3.27 19.27 -5.24
C ALA A 373 -3.62 20.69 -5.70
N ARG A 374 -2.98 21.13 -6.78
CA ARG A 374 -3.02 22.53 -7.29
C ARG A 374 -3.83 22.49 -8.59
N THR A 375 -4.14 23.64 -9.19
CA THR A 375 -4.89 23.72 -10.48
C THR A 375 -3.92 23.58 -11.66
N ARG A 376 -4.51 23.32 -12.82
CA ARG A 376 -3.85 23.33 -14.15
C ARG A 376 -2.95 24.57 -14.27
N GLU A 377 -3.49 25.74 -13.92
CA GLU A 377 -2.83 27.06 -14.14
C GLU A 377 -1.61 27.19 -13.24
N GLU A 378 -1.68 26.67 -12.01
CA GLU A 378 -0.52 26.71 -11.09
C GLU A 378 0.61 25.77 -11.58
N ARG A 379 0.27 24.62 -12.19
CA ARG A 379 1.28 23.66 -12.68
C ARG A 379 1.95 24.28 -13.90
N ARG A 380 1.16 24.83 -14.82
CA ARG A 380 1.65 25.58 -16.01
C ARG A 380 2.72 26.61 -15.56
N ASP A 381 2.41 27.42 -14.56
CA ASP A 381 3.27 28.53 -14.08
C ASP A 381 4.57 27.93 -13.52
N VAL A 382 4.51 26.81 -12.79
CA VAL A 382 5.76 26.14 -12.29
C VAL A 382 6.61 25.65 -13.48
N VAL A 383 6.01 24.95 -14.46
CA VAL A 383 6.72 24.38 -15.64
C VAL A 383 7.39 25.53 -16.41
N VAL A 384 6.57 26.49 -16.84
CA VAL A 384 7.00 27.71 -17.57
C VAL A 384 8.10 28.46 -16.78
N ASP A 385 8.05 28.52 -15.45
CA ASP A 385 9.12 29.19 -14.67
C ASP A 385 10.43 28.43 -14.85
N VAL A 386 10.43 27.13 -14.58
CA VAL A 386 11.65 26.30 -14.82
C VAL A 386 12.15 26.45 -16.26
N LEU A 387 11.30 26.30 -17.28
CA LEU A 387 11.74 26.40 -18.70
C LEU A 387 12.35 27.80 -18.92
N ALA A 388 11.77 28.85 -18.34
CA ALA A 388 12.20 30.24 -18.63
C ALA A 388 13.65 30.41 -18.13
N ARG A 389 13.97 29.76 -17.02
CA ARG A 389 15.32 29.88 -16.40
C ARG A 389 16.30 28.91 -17.04
N THR A 390 15.89 28.14 -18.06
CA THR A 390 16.73 27.09 -18.69
C THR A 390 16.75 27.31 -20.21
N LEU A 391 15.63 27.07 -20.90
CA LEU A 391 15.51 27.22 -22.38
C LEU A 391 15.55 28.70 -22.72
N GLY A 392 14.97 29.58 -21.91
CA GLY A 392 14.92 31.02 -22.26
C GLY A 392 13.56 31.66 -21.98
N GLU A 393 13.56 32.99 -21.90
CA GLU A 393 12.46 33.77 -21.29
C GLU A 393 11.25 33.66 -22.21
N ARG A 394 11.49 33.35 -23.49
CA ARG A 394 10.42 33.17 -24.51
C ARG A 394 9.51 32.00 -24.11
N ALA A 395 9.95 31.11 -23.21
CA ALA A 395 9.15 29.96 -22.73
C ALA A 395 7.87 30.45 -21.99
N ARG A 396 7.80 31.72 -21.54
CA ARG A 396 6.59 32.25 -20.83
C ARG A 396 5.51 32.60 -21.86
N ASP A 397 5.87 32.68 -23.15
CA ASP A 397 4.91 32.96 -24.26
C ASP A 397 4.31 31.63 -24.72
N VAL A 398 3.47 31.05 -23.86
CA VAL A 398 2.85 29.71 -24.06
C VAL A 398 1.57 29.88 -24.89
N ARG A 399 1.37 29.02 -25.87
CA ARG A 399 0.14 28.99 -26.70
C ARG A 399 -0.91 28.17 -25.96
N ASP A 400 -0.51 27.06 -25.33
CA ASP A 400 -1.44 26.18 -24.57
C ASP A 400 -0.58 25.25 -23.68
N TYR A 401 -1.18 24.75 -22.59
CA TYR A 401 -0.59 23.78 -21.64
C TYR A 401 -1.61 22.65 -21.47
N ILE A 402 -1.21 21.38 -21.64
CA ILE A 402 -2.13 20.21 -21.55
C ILE A 402 -1.47 19.17 -20.66
N ASP A 403 -2.15 18.69 -19.61
CA ASP A 403 -1.53 17.75 -18.64
C ASP A 403 -2.60 16.79 -18.09
N ARG A 404 -2.14 15.70 -17.47
CA ARG A 404 -2.98 14.67 -16.83
C ARG A 404 -2.26 14.16 -15.58
N ASP A 405 -2.93 14.27 -14.42
CA ASP A 405 -2.59 13.61 -13.13
C ASP A 405 -3.22 12.21 -13.14
N TRP A 406 -2.44 11.17 -13.41
CA TRP A 406 -2.93 9.77 -13.46
C TRP A 406 -3.30 9.27 -12.07
N SER A 407 -2.95 10.00 -11.01
CA SER A 407 -3.31 9.63 -9.62
C SER A 407 -4.80 9.96 -9.41
N ALA A 408 -5.32 10.95 -10.14
CA ALA A 408 -6.68 11.50 -10.04
C ALA A 408 -7.64 10.63 -10.86
N GLU A 409 -7.13 9.97 -11.90
CA GLU A 409 -7.87 9.03 -12.80
C GLU A 409 -8.44 7.88 -11.99
N PRO A 410 -9.77 7.74 -11.78
CA PRO A 410 -10.27 6.71 -10.87
C PRO A 410 -9.97 5.30 -11.38
N TRP A 411 -9.86 5.09 -12.71
CA TRP A 411 -9.62 3.75 -13.34
C TRP A 411 -8.13 3.52 -13.64
N THR A 412 -7.23 4.28 -13.02
CA THR A 412 -5.78 3.95 -12.96
C THR A 412 -5.29 4.13 -11.53
N ARG A 413 -5.42 5.33 -10.98
CA ARG A 413 -5.00 5.65 -9.60
C ARG A 413 -3.47 5.58 -9.51
N GLY A 414 -2.76 6.02 -10.54
CA GLY A 414 -1.32 6.34 -10.52
C GLY A 414 -0.60 5.70 -11.68
N CYS A 415 0.34 6.40 -12.30
CA CYS A 415 1.30 5.85 -13.32
C CYS A 415 2.71 5.90 -12.75
N TYR A 416 3.67 5.17 -13.36
CA TYR A 416 3.48 4.37 -14.57
C TYR A 416 2.91 3.01 -14.16
N GLY A 417 3.13 2.58 -12.92
CA GLY A 417 2.53 1.35 -12.39
C GLY A 417 2.94 1.14 -10.96
N ALA A 418 2.78 -0.08 -10.45
CA ALA A 418 3.02 -0.39 -9.02
C ALA A 418 4.53 -0.43 -8.77
N HIS A 419 4.95 -0.06 -7.56
CA HIS A 419 6.25 -0.37 -6.93
C HIS A 419 5.98 -1.14 -5.63
N LEU A 420 6.98 -1.82 -5.10
CA LEU A 420 6.87 -2.60 -3.85
C LEU A 420 7.87 -2.01 -2.86
N PRO A 421 7.41 -1.63 -1.65
CA PRO A 421 8.29 -1.11 -0.61
C PRO A 421 9.00 -2.27 0.10
N PRO A 422 10.01 -2.01 0.95
CA PRO A 422 10.70 -3.09 1.63
C PRO A 422 9.71 -4.05 2.33
N GLY A 423 9.96 -5.35 2.15
CA GLY A 423 9.29 -6.48 2.83
C GLY A 423 8.20 -7.07 1.98
N ALA A 424 7.77 -6.40 0.90
CA ALA A 424 6.61 -6.81 0.06
C ALA A 424 6.95 -8.05 -0.80
N TRP A 425 8.11 -8.05 -1.49
CA TRP A 425 8.39 -9.04 -2.58
C TRP A 425 8.62 -10.46 -2.02
N THR A 426 9.33 -10.59 -0.91
CA THR A 426 9.73 -11.92 -0.35
C THR A 426 8.55 -12.51 0.43
N VAL A 427 7.62 -11.67 0.90
CA VAL A 427 6.54 -12.11 1.85
C VAL A 427 5.21 -12.25 1.13
N TYR A 428 4.76 -11.25 0.35
CA TYR A 428 3.44 -11.27 -0.33
C TYR A 428 3.58 -11.55 -1.83
N GLY A 429 4.75 -11.26 -2.42
CA GLY A 429 5.08 -11.31 -3.87
C GLY A 429 4.79 -12.65 -4.54
N PRO A 430 5.04 -13.82 -3.91
CA PRO A 430 4.71 -15.10 -4.53
C PRO A 430 3.24 -15.20 -4.99
N ALA A 431 2.31 -14.41 -4.43
CA ALA A 431 0.90 -14.42 -4.88
C ALA A 431 0.70 -13.65 -6.21
N LEU A 432 1.72 -12.99 -6.76
CA LEU A 432 1.62 -12.04 -7.91
C LEU A 432 0.75 -12.63 -9.01
N ARG A 433 1.16 -13.78 -9.58
CA ARG A 433 0.57 -14.42 -10.80
C ARG A 433 -0.34 -15.62 -10.49
N VAL A 434 -0.33 -16.17 -9.28
CA VAL A 434 -1.00 -17.48 -9.02
C VAL A 434 -2.49 -17.28 -9.24
N PRO A 435 -3.14 -18.08 -10.11
CA PRO A 435 -4.59 -17.99 -10.22
C PRO A 435 -5.20 -18.30 -8.85
N VAL A 436 -6.31 -17.65 -8.53
CA VAL A 436 -7.27 -18.12 -7.50
C VAL A 436 -8.43 -18.77 -8.22
N GLY A 437 -8.48 -20.10 -8.18
CA GLY A 437 -9.51 -20.92 -8.83
C GLY A 437 -9.61 -20.59 -10.31
N ARG A 438 -10.70 -19.95 -10.70
CA ARG A 438 -11.05 -19.66 -12.12
C ARG A 438 -10.64 -18.22 -12.45
N VAL A 439 -10.09 -17.49 -11.46
CA VAL A 439 -9.69 -16.07 -11.65
C VAL A 439 -8.19 -16.01 -11.99
N HIS A 440 -7.87 -15.62 -13.22
CA HIS A 440 -6.47 -15.45 -13.71
C HIS A 440 -6.12 -13.95 -13.72
N TRP A 441 -4.81 -13.63 -13.81
CA TRP A 441 -4.22 -12.28 -13.57
C TRP A 441 -3.34 -11.89 -14.75
N ALA A 442 -3.55 -10.67 -15.27
CA ALA A 442 -2.77 -10.00 -16.32
C ALA A 442 -2.60 -8.52 -15.93
N GLY A 443 -1.85 -7.79 -16.74
CA GLY A 443 -1.37 -6.44 -16.40
C GLY A 443 0.15 -6.38 -16.52
N THR A 444 0.69 -5.22 -16.88
CA THR A 444 2.14 -5.01 -17.05
C THR A 444 2.88 -5.44 -15.76
N GLU A 445 2.26 -5.26 -14.58
CA GLU A 445 2.86 -5.56 -13.27
C GLU A 445 3.07 -7.08 -13.14
N THR A 446 2.49 -7.90 -14.02
CA THR A 446 2.70 -9.38 -13.96
C THR A 446 3.70 -9.84 -15.02
N ALA A 447 4.23 -8.95 -15.86
CA ALA A 447 5.23 -9.26 -16.93
C ALA A 447 6.58 -9.64 -16.33
N GLU A 448 7.29 -10.57 -16.97
CA GLU A 448 8.73 -10.88 -16.74
C GLU A 448 9.60 -9.81 -17.38
N ARG A 449 9.40 -9.49 -18.67
CA ARG A 449 10.26 -8.54 -19.44
C ARG A 449 9.52 -7.20 -19.68
N TRP A 450 10.25 -6.09 -19.64
CA TRP A 450 9.68 -4.72 -19.62
C TRP A 450 8.42 -4.62 -18.76
N THR A 451 8.45 -5.14 -17.54
CA THR A 451 7.38 -4.84 -16.55
C THR A 451 7.29 -3.31 -16.39
N GLY A 452 6.09 -2.76 -16.36
CA GLY A 452 5.87 -1.31 -16.23
C GLY A 452 5.60 -0.66 -17.58
N TYR A 453 5.80 -1.38 -18.67
CA TYR A 453 5.73 -0.81 -20.05
C TYR A 453 4.60 -1.51 -20.82
N ILE A 454 4.13 -0.91 -21.93
CA ILE A 454 3.16 -1.48 -22.90
C ILE A 454 3.59 -2.91 -23.28
N ASP A 455 4.87 -3.06 -23.61
CA ASP A 455 5.49 -4.32 -24.04
C ASP A 455 5.22 -5.40 -22.99
N GLY A 456 5.48 -5.09 -21.71
CA GLY A 456 5.11 -5.92 -20.55
C GLY A 456 3.61 -6.24 -20.49
N ALA A 457 2.75 -5.24 -20.64
CA ALA A 457 1.28 -5.46 -20.70
C ALA A 457 1.01 -6.59 -21.72
N ILE A 458 1.60 -6.47 -22.91
CA ILE A 458 1.38 -7.39 -24.07
C ILE A 458 1.78 -8.79 -23.63
N GLU A 459 2.98 -8.93 -23.09
CA GLU A 459 3.49 -10.21 -22.53
C GLU A 459 2.43 -10.80 -21.60
N SER A 460 2.05 -10.09 -20.51
CA SER A 460 1.04 -10.53 -19.50
C SER A 460 -0.21 -11.04 -20.22
N GLY A 461 -0.73 -10.33 -21.23
CA GLY A 461 -1.91 -10.79 -21.98
C GLY A 461 -1.70 -12.15 -22.64
N GLN A 462 -0.60 -12.31 -23.37
CA GLN A 462 -0.26 -13.58 -24.07
C GLN A 462 -0.22 -14.72 -23.03
N ARG A 463 0.49 -14.53 -21.89
CA ARG A 463 0.71 -15.53 -20.83
C ARG A 463 -0.62 -15.88 -20.11
N ALA A 464 -1.45 -14.91 -19.74
CA ALA A 464 -2.76 -15.13 -19.10
C ALA A 464 -3.72 -15.88 -20.02
N ALA A 465 -3.65 -15.64 -21.33
CA ALA A 465 -4.55 -16.33 -22.28
C ALA A 465 -4.09 -17.79 -22.43
N ALA A 466 -2.81 -18.04 -22.70
CA ALA A 466 -2.20 -19.39 -22.76
C ALA A 466 -2.63 -20.22 -21.55
N GLU A 467 -2.57 -19.61 -20.37
CA GLU A 467 -2.97 -20.24 -19.09
C GLU A 467 -4.42 -20.71 -19.17
N VAL A 468 -5.32 -19.90 -19.72
CA VAL A 468 -6.79 -20.14 -19.63
C VAL A 468 -7.17 -21.13 -20.75
N LEU A 469 -6.54 -21.07 -21.90
CA LEU A 469 -6.72 -22.09 -22.97
C LEU A 469 -6.31 -23.46 -22.42
N ALA A 470 -5.08 -23.60 -21.93
CA ALA A 470 -4.57 -24.81 -21.25
C ALA A 470 -5.60 -25.31 -20.23
N ALA A 471 -5.92 -24.49 -19.22
CA ALA A 471 -6.70 -24.87 -18.03
C ALA A 471 -8.17 -25.17 -18.36
N LEU A 472 -8.64 -24.82 -19.56
CA LEU A 472 -10.08 -24.91 -19.95
C LEU A 472 -10.40 -26.30 -20.48
N GLY A 473 -9.61 -26.77 -21.45
CA GLY A 473 -9.85 -28.01 -22.22
C GLY A 473 -8.94 -29.15 -21.78
N GLN B 26 -33.49 9.39 4.99
CA GLN B 26 -32.74 10.65 5.22
C GLN B 26 -32.48 10.77 6.73
N VAL B 27 -31.26 11.12 7.11
CA VAL B 27 -30.84 11.44 8.49
C VAL B 27 -29.71 12.48 8.39
N ASP B 28 -29.28 13.02 9.54
CA ASP B 28 -28.25 14.08 9.60
C ASP B 28 -26.87 13.47 9.26
N VAL B 29 -26.56 12.29 9.82
CA VAL B 29 -25.20 11.68 9.73
C VAL B 29 -25.33 10.16 9.53
N VAL B 30 -24.51 9.60 8.63
CA VAL B 30 -24.41 8.13 8.38
C VAL B 30 -22.98 7.71 8.75
N VAL B 31 -22.85 6.77 9.68
CA VAL B 31 -21.52 6.28 10.13
C VAL B 31 -21.29 4.94 9.43
N VAL B 32 -20.16 4.79 8.74
CA VAL B 32 -19.73 3.50 8.11
C VAL B 32 -18.75 2.82 9.06
N GLY B 33 -19.19 1.71 9.69
CA GLY B 33 -18.41 0.88 10.63
C GLY B 33 -18.93 0.95 12.07
N ALA B 34 -19.24 -0.21 12.66
CA ALA B 34 -19.72 -0.33 14.05
C ALA B 34 -18.60 -0.90 14.91
N GLY B 35 -17.36 -0.40 14.72
CA GLY B 35 -16.26 -0.58 15.67
C GLY B 35 -16.39 0.47 16.76
N PHE B 36 -15.41 0.57 17.67
CA PHE B 36 -15.44 1.54 18.79
C PHE B 36 -15.33 2.99 18.31
N ALA B 37 -14.62 3.27 17.19
CA ALA B 37 -14.52 4.61 16.56
C ALA B 37 -15.89 4.98 15.96
N GLY B 38 -16.47 4.10 15.12
CA GLY B 38 -17.79 4.31 14.48
C GLY B 38 -18.90 4.48 15.51
N LEU B 39 -18.89 3.70 16.59
CA LEU B 39 -19.99 3.73 17.58
C LEU B 39 -19.78 4.95 18.49
N THR B 40 -18.53 5.27 18.81
CA THR B 40 -18.20 6.38 19.73
C THR B 40 -18.70 7.68 19.09
N ALA B 41 -18.52 7.80 17.78
CA ALA B 41 -18.92 8.99 17.00
C ALA B 41 -20.46 8.98 16.89
N ALA B 42 -21.05 7.83 16.57
CA ALA B 42 -22.52 7.67 16.42
C ALA B 42 -23.18 8.10 17.75
N ARG B 43 -22.54 7.70 18.87
CA ARG B 43 -23.02 8.10 20.21
C ARG B 43 -23.02 9.62 20.34
N ALA B 44 -21.89 10.30 20.08
CA ALA B 44 -21.72 11.73 20.40
C ALA B 44 -22.56 12.58 19.43
N VAL B 45 -22.97 12.01 18.29
CA VAL B 45 -23.93 12.63 17.29
C VAL B 45 -25.36 12.55 17.83
N HIS B 46 -25.81 11.38 18.30
CA HIS B 46 -27.15 11.21 18.93
C HIS B 46 -27.28 12.10 20.18
N GLU B 47 -26.33 12.01 21.12
CA GLU B 47 -26.26 12.84 22.36
C GLU B 47 -26.37 14.35 22.09
N ALA B 48 -25.99 14.82 20.89
CA ALA B 48 -26.01 16.24 20.44
C ALA B 48 -27.38 16.55 19.80
N GLY B 49 -28.22 15.52 19.68
CA GLY B 49 -29.62 15.67 19.26
C GLY B 49 -29.79 15.57 17.77
N ARG B 50 -28.76 15.07 17.05
CA ARG B 50 -28.84 14.77 15.59
C ARG B 50 -29.12 13.28 15.34
N SER B 51 -29.92 12.99 14.31
CA SER B 51 -30.23 11.63 13.80
C SER B 51 -28.97 11.00 13.13
N VAL B 52 -28.79 9.69 13.32
CA VAL B 52 -27.62 8.89 12.87
C VAL B 52 -28.09 7.49 12.44
N LEU B 53 -27.47 6.94 11.39
CA LEU B 53 -27.57 5.50 11.02
C LEU B 53 -26.13 4.96 10.89
N VAL B 54 -25.84 3.88 11.60
CA VAL B 54 -24.52 3.18 11.59
C VAL B 54 -24.73 1.99 10.67
N LEU B 55 -23.92 1.89 9.61
CA LEU B 55 -23.95 0.75 8.63
C LEU B 55 -22.71 -0.11 8.83
N GLU B 56 -22.93 -1.41 9.10
CA GLU B 56 -21.90 -2.40 9.50
C GLU B 56 -22.09 -3.64 8.64
N ALA B 57 -21.04 -4.03 7.91
CA ALA B 57 -20.98 -5.12 6.91
C ALA B 57 -21.17 -6.49 7.58
N ARG B 58 -20.68 -6.66 8.80
CA ARG B 58 -20.76 -7.91 9.62
C ARG B 58 -22.15 -7.97 10.30
N ASP B 59 -22.52 -9.16 10.81
CA ASP B 59 -23.77 -9.43 11.57
C ASP B 59 -23.52 -9.11 13.05
N ARG B 60 -22.58 -8.21 13.36
CA ARG B 60 -22.16 -7.91 14.75
C ARG B 60 -21.39 -6.59 14.78
N VAL B 61 -21.06 -6.15 15.98
CA VAL B 61 -20.30 -4.93 16.28
C VAL B 61 -19.01 -5.37 16.93
N GLY B 62 -18.08 -4.43 17.16
CA GLY B 62 -16.76 -4.67 17.78
C GLY B 62 -15.62 -4.49 16.79
N GLY B 63 -15.81 -4.95 15.56
CA GLY B 63 -14.79 -4.84 14.48
C GLY B 63 -13.56 -5.68 14.77
N ARG B 64 -12.40 -5.03 14.87
CA ARG B 64 -11.14 -5.70 15.30
C ARG B 64 -11.21 -6.17 16.76
N THR B 65 -12.36 -6.01 17.44
CA THR B 65 -12.68 -6.62 18.75
C THR B 65 -13.88 -7.54 18.57
N CYS B 66 -13.78 -8.74 19.12
CA CYS B 66 -14.58 -9.93 18.78
C CYS B 66 -14.30 -11.01 19.83
N THR B 67 -15.36 -11.40 20.55
CA THR B 67 -15.35 -12.34 21.69
C THR B 67 -16.35 -13.45 21.41
N GLU B 68 -15.98 -14.70 21.61
CA GLU B 68 -16.92 -15.85 21.47
C GLU B 68 -16.92 -16.68 22.74
N GLU B 69 -18.03 -17.39 22.99
CA GLU B 69 -18.19 -18.30 24.17
C GLU B 69 -17.71 -19.69 23.73
N HIS B 70 -16.70 -20.22 24.44
CA HIS B 70 -16.12 -21.60 24.34
C HIS B 70 -15.76 -22.06 25.75
N HIS B 71 -15.93 -23.34 26.05
CA HIS B 71 -15.48 -23.96 27.32
C HIS B 71 -15.90 -23.09 28.53
N GLY B 72 -17.11 -22.52 28.47
CA GLY B 72 -17.75 -21.76 29.58
C GLY B 72 -16.97 -20.50 30.01
N THR B 73 -16.24 -19.87 29.10
CA THR B 73 -15.52 -18.59 29.34
C THR B 73 -15.62 -17.79 28.06
N TRP B 74 -15.01 -16.60 28.04
CA TRP B 74 -15.03 -15.63 26.92
C TRP B 74 -13.73 -15.75 26.06
N ILE B 75 -13.84 -15.95 24.74
CA ILE B 75 -12.62 -16.02 23.86
C ILE B 75 -12.54 -14.74 22.99
N ASP B 76 -11.74 -13.77 23.45
CA ASP B 76 -11.33 -12.56 22.70
C ASP B 76 -10.44 -12.95 21.51
N LEU B 77 -11.04 -13.04 20.32
CA LEU B 77 -10.32 -13.21 19.05
C LEU B 77 -9.69 -11.89 18.63
N GLY B 78 -10.28 -10.76 19.03
CA GLY B 78 -9.84 -9.40 18.65
C GLY B 78 -9.01 -8.79 19.76
N GLY B 79 -8.89 -7.45 19.77
CA GLY B 79 -8.30 -6.71 20.90
C GLY B 79 -8.87 -7.14 22.24
N GLN B 80 -8.05 -7.05 23.31
CA GLN B 80 -8.36 -7.61 24.67
C GLN B 80 -7.80 -6.75 25.84
N TRP B 81 -6.65 -6.07 25.69
CA TRP B 81 -5.87 -5.43 26.80
C TRP B 81 -6.09 -3.90 26.87
N ILE B 82 -6.12 -3.39 28.10
CA ILE B 82 -6.05 -1.92 28.40
C ILE B 82 -5.04 -1.70 29.54
N GLY B 83 -4.58 -0.46 29.67
CA GLY B 83 -3.50 -0.15 30.62
C GLY B 83 -3.41 1.34 30.86
N PRO B 84 -2.48 1.71 31.76
CA PRO B 84 -2.28 3.10 32.18
C PRO B 84 -2.02 4.07 31.02
N GLY B 85 -2.65 5.26 31.11
CA GLY B 85 -2.63 6.31 30.07
C GLY B 85 -3.83 6.21 29.15
N GLN B 86 -4.44 5.02 29.02
CA GLN B 86 -5.60 4.75 28.12
C GLN B 86 -6.87 5.24 28.82
N ASP B 87 -7.01 6.55 28.93
CA ASP B 87 -8.03 7.25 29.76
C ASP B 87 -9.43 7.16 29.11
N ARG B 88 -9.52 7.02 27.79
CA ARG B 88 -10.83 6.94 27.09
C ARG B 88 -11.49 5.60 27.44
N VAL B 89 -10.89 4.47 27.01
CA VAL B 89 -11.46 3.09 27.16
C VAL B 89 -11.69 2.82 28.66
N ALA B 90 -10.73 3.25 29.50
CA ALA B 90 -10.77 3.07 30.98
C ALA B 90 -12.10 3.62 31.52
N ALA B 91 -12.48 4.85 31.09
CA ALA B 91 -13.69 5.59 31.51
C ALA B 91 -14.95 5.08 30.78
N LEU B 92 -14.84 4.61 29.53
CA LEU B 92 -16.00 4.00 28.81
C LEU B 92 -16.37 2.70 29.50
N ALA B 93 -15.35 1.95 29.96
CA ALA B 93 -15.51 0.66 30.69
C ALA B 93 -16.35 0.87 31.98
N ALA B 94 -15.84 1.71 32.91
CA ALA B 94 -16.40 2.10 34.22
C ALA B 94 -17.82 2.65 34.10
N GLU B 95 -18.06 3.57 33.13
CA GLU B 95 -19.42 4.07 32.74
C GLU B 95 -20.37 2.89 32.46
N LEU B 96 -20.06 2.06 31.47
CA LEU B 96 -21.03 1.04 31.01
C LEU B 96 -20.93 -0.19 31.92
N GLY B 97 -20.06 -0.11 32.95
CA GLY B 97 -19.95 -1.12 34.02
C GLY B 97 -19.42 -2.46 33.54
N VAL B 98 -18.30 -2.47 32.81
CA VAL B 98 -17.51 -3.72 32.59
C VAL B 98 -16.31 -3.66 33.54
N GLU B 99 -16.17 -4.66 34.44
CA GLU B 99 -15.07 -4.70 35.44
C GLU B 99 -13.86 -5.23 34.69
N THR B 100 -12.68 -4.88 35.18
CA THR B 100 -11.36 -5.30 34.65
C THR B 100 -10.71 -6.31 35.61
N TYR B 101 -9.75 -7.09 35.10
CA TYR B 101 -8.94 -8.07 35.86
C TYR B 101 -7.48 -7.97 35.41
N PRO B 102 -6.49 -8.16 36.31
CA PRO B 102 -5.09 -7.98 35.93
C PRO B 102 -4.58 -9.14 35.05
N GLN B 103 -3.86 -8.82 33.97
CA GLN B 103 -2.99 -9.80 33.28
C GLN B 103 -2.04 -10.37 34.32
N PRO B 104 -1.95 -11.70 34.49
CA PRO B 104 -0.94 -12.26 35.39
C PRO B 104 0.47 -11.88 34.91
N THR B 105 1.32 -11.51 35.89
CA THR B 105 2.73 -11.11 35.74
C THR B 105 3.70 -12.16 36.29
N GLU B 106 3.26 -12.99 37.27
CA GLU B 106 4.14 -13.77 38.17
C GLU B 106 4.51 -15.13 37.58
N GLY B 107 5.65 -15.66 38.02
CA GLY B 107 6.30 -16.91 37.53
C GLY B 107 7.45 -16.57 36.60
N ASP B 108 8.32 -17.53 36.29
CA ASP B 108 9.45 -17.34 35.33
C ASP B 108 8.93 -17.13 33.90
N ASP B 109 9.51 -16.18 33.17
CA ASP B 109 9.36 -16.11 31.70
C ASP B 109 10.38 -17.08 31.11
N VAL B 110 10.12 -17.57 29.90
CA VAL B 110 11.04 -18.45 29.10
C VAL B 110 11.49 -17.69 27.85
N VAL B 111 12.78 -17.36 27.77
CA VAL B 111 13.36 -16.74 26.55
C VAL B 111 14.18 -17.78 25.76
N LEU B 112 14.17 -17.71 24.43
CA LEU B 112 14.81 -18.74 23.55
C LEU B 112 15.32 -18.13 22.24
N PHE B 113 16.65 -18.05 22.06
CA PHE B 113 17.32 -17.57 20.82
C PHE B 113 17.81 -18.78 20.03
N GLY B 114 17.31 -18.93 18.80
CA GLY B 114 17.84 -19.82 17.74
C GLY B 114 18.00 -21.28 18.15
N ASP B 115 19.25 -21.73 18.25
CA ASP B 115 19.68 -23.13 18.50
C ASP B 115 19.94 -23.37 20.00
N GLY B 116 19.75 -22.37 20.85
CA GLY B 116 20.27 -22.33 22.23
C GLY B 116 19.30 -22.93 23.23
N GLU B 117 19.68 -22.92 24.51
CA GLU B 117 18.93 -23.58 25.60
C GLU B 117 17.92 -22.56 26.08
N PRO B 118 16.62 -22.92 26.24
CA PRO B 118 15.63 -22.03 26.85
C PRO B 118 16.06 -21.54 28.24
N GLN B 119 16.04 -20.22 28.46
CA GLN B 119 16.35 -19.57 29.76
C GLN B 119 15.05 -19.19 30.49
N ARG B 120 14.88 -19.71 31.72
CA ARG B 120 13.90 -19.22 32.74
C ARG B 120 14.47 -17.99 33.47
N ALA B 121 13.66 -16.95 33.64
CA ALA B 121 14.00 -15.75 34.44
C ALA B 121 12.70 -15.18 34.98
N PRO B 122 12.68 -14.62 36.21
CA PRO B 122 11.49 -13.93 36.74
C PRO B 122 10.93 -12.81 35.85
N ASP B 123 11.77 -12.15 35.06
CA ASP B 123 11.33 -11.30 33.92
C ASP B 123 12.33 -11.44 32.75
N VAL B 124 11.81 -11.27 31.53
CA VAL B 124 12.55 -11.40 30.23
C VAL B 124 13.93 -10.74 30.38
N ALA B 125 13.97 -9.50 30.91
CA ALA B 125 15.20 -8.69 31.02
C ALA B 125 16.31 -9.50 31.69
N LEU B 126 15.97 -10.26 32.72
CA LEU B 126 17.00 -10.85 33.64
C LEU B 126 17.69 -12.02 32.94
N ALA B 127 17.18 -12.41 31.76
CA ALA B 127 17.79 -13.41 30.84
C ALA B 127 18.86 -12.77 29.94
N PHE B 128 19.11 -11.47 30.06
CA PHE B 128 20.16 -10.76 29.27
C PHE B 128 21.30 -10.35 30.19
N SER B 129 22.52 -10.24 29.64
CA SER B 129 23.74 -9.74 30.34
C SER B 129 23.55 -8.28 30.78
N ASP B 130 24.39 -7.80 31.71
CA ASP B 130 24.48 -6.36 32.10
C ASP B 130 24.65 -5.55 30.81
N GLU B 131 25.60 -5.94 29.96
CA GLU B 131 26.02 -5.26 28.72
C GLU B 131 24.86 -5.20 27.72
N GLU B 132 24.12 -6.30 27.56
CA GLU B 132 22.99 -6.44 26.60
C GLU B 132 21.85 -5.49 26.98
N LEU B 133 21.46 -5.47 28.25
CA LEU B 133 20.27 -4.71 28.76
C LEU B 133 20.52 -3.21 28.66
N THR B 134 21.77 -2.76 28.91
CA THR B 134 22.25 -1.37 28.65
C THR B 134 21.94 -1.00 27.20
N ALA B 135 22.58 -1.69 26.23
CA ALA B 135 22.41 -1.55 24.77
C ALA B 135 20.92 -1.53 24.41
N TYR B 136 20.13 -2.45 24.98
CA TYR B 136 18.67 -2.50 24.71
C TYR B 136 18.05 -1.20 25.18
N LEU B 137 18.36 -0.75 26.40
CA LEU B 137 17.66 0.40 27.01
C LEU B 137 18.07 1.67 26.28
N GLU B 138 19.35 1.79 25.96
CA GLU B 138 19.89 2.93 25.17
C GLU B 138 19.25 2.89 23.77
N LEU B 139 18.95 1.71 23.22
CA LEU B 139 18.26 1.60 21.90
C LEU B 139 16.85 2.21 21.98
N ALA B 140 16.06 1.86 23.00
CA ALA B 140 14.69 2.35 23.26
C ALA B 140 14.71 3.86 23.62
N GLY B 141 15.68 4.27 24.45
CA GLY B 141 15.91 5.69 24.74
C GLY B 141 16.15 6.47 23.46
N ALA B 142 17.06 5.99 22.62
CA ALA B 142 17.50 6.70 21.39
C ALA B 142 16.33 6.82 20.41
N LEU B 143 15.41 5.85 20.39
CA LEU B 143 14.16 5.88 19.59
C LEU B 143 13.17 6.85 20.21
N GLU B 144 13.01 6.82 21.54
CA GLU B 144 12.08 7.70 22.31
C GLU B 144 12.45 9.18 22.12
N ALA B 145 13.75 9.50 22.04
CA ALA B 145 14.29 10.86 21.79
C ALA B 145 14.01 11.30 20.34
N ILE B 146 13.89 10.36 19.39
CA ILE B 146 13.35 10.68 18.03
C ILE B 146 11.86 10.96 18.16
N ALA B 147 11.13 10.03 18.78
CA ALA B 147 9.68 10.08 19.07
C ALA B 147 9.30 11.44 19.67
N GLU B 148 10.11 12.00 20.59
CA GLU B 148 9.73 13.22 21.36
C GLU B 148 9.63 14.45 20.42
N LYS B 149 10.40 14.54 19.33
CA LYS B 149 10.37 15.67 18.36
C LYS B 149 9.41 15.39 17.20
N VAL B 150 8.52 14.39 17.33
CA VAL B 150 7.60 13.97 16.23
C VAL B 150 6.20 14.40 16.64
N PRO B 151 5.66 15.47 16.03
CA PRO B 151 4.33 15.97 16.42
C PRO B 151 3.24 14.90 16.28
N LEU B 152 2.47 14.65 17.35
CA LEU B 152 1.38 13.66 17.37
C LEU B 152 0.32 14.03 16.31
N ASP B 153 0.15 15.31 16.00
CA ASP B 153 -0.96 15.80 15.13
C ASP B 153 -0.50 15.94 13.67
N ALA B 154 0.80 15.89 13.41
CA ALA B 154 1.36 16.25 12.10
C ALA B 154 2.79 15.74 12.05
N PRO B 155 2.97 14.39 11.93
CA PRO B 155 4.29 13.78 12.00
C PRO B 155 5.24 14.39 10.96
N TRP B 156 4.65 14.86 9.86
CA TRP B 156 5.35 15.46 8.71
C TRP B 156 5.94 16.84 9.07
N LEU B 157 5.61 17.38 10.25
CA LEU B 157 6.15 18.68 10.75
C LEU B 157 7.34 18.50 11.73
N ALA B 158 7.85 17.29 11.94
CA ALA B 158 9.11 17.08 12.69
C ALA B 158 10.26 17.78 11.96
N PRO B 159 11.18 18.46 12.65
CA PRO B 159 12.21 19.26 11.98
C PRO B 159 12.94 18.42 10.90
N GLU B 160 13.23 17.15 11.24
CA GLU B 160 13.96 16.20 10.38
C GLU B 160 12.99 15.17 9.78
N ALA B 161 11.74 15.55 9.51
CA ALA B 161 10.69 14.63 9.01
C ALA B 161 11.12 13.97 7.69
N ALA B 162 11.77 14.72 6.78
CA ALA B 162 12.18 14.28 5.42
C ALA B 162 13.13 13.07 5.52
N ALA B 163 14.22 13.23 6.27
CA ALA B 163 15.27 12.21 6.56
C ALA B 163 14.68 10.99 7.27
N TRP B 164 13.82 11.19 8.28
CA TRP B 164 13.18 10.12 9.12
C TRP B 164 12.17 9.31 8.31
N ASP B 165 11.40 9.97 7.45
CA ASP B 165 10.52 9.32 6.45
C ASP B 165 11.35 8.53 5.42
N ALA B 166 12.55 8.98 5.05
CA ALA B 166 13.38 8.29 4.03
C ALA B 166 14.08 7.05 4.61
N THR B 167 13.93 6.74 5.90
CA THR B 167 14.64 5.64 6.60
C THR B 167 13.61 4.60 7.06
N THR B 168 13.98 3.32 7.05
CA THR B 168 13.18 2.25 7.70
C THR B 168 13.52 2.25 9.19
N LEU B 169 12.69 1.63 10.02
CA LEU B 169 13.11 1.30 11.42
C LEU B 169 14.39 0.43 11.40
N ARG B 170 14.43 -0.57 10.51
CA ARG B 170 15.48 -1.63 10.41
C ARG B 170 16.86 -0.99 10.21
N GLU B 171 16.92 -0.04 9.27
CA GLU B 171 18.13 0.73 8.85
C GLU B 171 18.72 1.47 10.06
N TRP B 172 17.85 2.10 10.84
CA TRP B 172 18.22 2.92 12.03
C TRP B 172 18.80 2.03 13.16
N VAL B 173 18.11 0.93 13.53
CA VAL B 173 18.60 -0.12 14.49
C VAL B 173 20.03 -0.50 14.12
N ALA B 174 20.24 -0.86 12.84
CA ALA B 174 21.53 -1.30 12.27
C ALA B 174 22.60 -0.24 12.58
N GLY B 175 22.21 1.04 12.54
CA GLY B 175 23.07 2.23 12.74
C GLY B 175 23.45 2.43 14.21
N THR B 176 22.67 1.91 15.15
CA THR B 176 22.94 2.02 16.61
C THR B 176 24.02 1.00 16.97
N GLY B 177 24.06 -0.12 16.22
CA GLY B 177 25.13 -1.15 16.22
C GLY B 177 25.04 -2.08 17.41
N VAL B 178 23.83 -2.43 17.87
CA VAL B 178 23.65 -3.26 19.09
C VAL B 178 24.11 -4.70 18.79
N PRO B 179 24.24 -5.57 19.82
CA PRO B 179 24.38 -7.00 19.58
C PRO B 179 23.12 -7.60 18.92
N ASP B 180 23.20 -8.86 18.49
CA ASP B 180 22.13 -9.54 17.70
C ASP B 180 20.97 -9.87 18.66
N ARG B 181 21.22 -10.62 19.73
CA ARG B 181 20.21 -10.92 20.77
C ARG B 181 19.37 -9.67 21.06
N VAL B 182 20.04 -8.51 21.16
CA VAL B 182 19.45 -7.17 21.47
C VAL B 182 18.55 -6.76 20.32
N ALA B 183 19.06 -6.83 19.09
CA ALA B 183 18.34 -6.43 17.85
C ALA B 183 17.14 -7.37 17.60
N GLY B 184 17.23 -8.63 18.03
CA GLY B 184 16.21 -9.66 17.81
C GLY B 184 15.15 -9.61 18.89
N LEU B 185 15.55 -9.43 20.14
CA LEU B 185 14.64 -9.09 21.27
C LEU B 185 13.82 -7.84 20.91
N PHE B 186 14.48 -6.78 20.42
CA PHE B 186 13.83 -5.54 19.90
C PHE B 186 12.88 -5.94 18.77
N GLU B 187 13.37 -6.69 17.77
CA GLU B 187 12.54 -7.15 16.64
C GLU B 187 11.31 -7.89 17.19
N VAL B 188 11.47 -8.76 18.20
CA VAL B 188 10.29 -9.51 18.73
C VAL B 188 9.24 -8.49 19.13
N ALA B 189 9.69 -7.44 19.84
CA ALA B 189 8.82 -6.40 20.44
C ALA B 189 8.15 -5.56 19.34
N VAL B 190 8.93 -5.10 18.35
CA VAL B 190 8.45 -4.33 17.17
C VAL B 190 7.26 -5.08 16.54
N GLN B 191 7.30 -6.41 16.50
CA GLN B 191 6.36 -7.22 15.67
C GLN B 191 5.15 -7.58 16.54
N ALA B 192 5.36 -7.62 17.86
CA ALA B 192 4.31 -7.71 18.89
C ALA B 192 3.49 -6.42 18.95
N VAL B 193 4.07 -5.28 18.58
CA VAL B 193 3.38 -3.93 18.54
C VAL B 193 2.78 -3.65 17.14
N PHE B 194 3.54 -3.90 16.08
CA PHE B 194 3.26 -3.31 14.74
C PHE B 194 2.65 -4.37 13.83
N ALA B 195 2.86 -5.65 14.13
CA ALA B 195 2.45 -6.80 13.29
C ALA B 195 3.08 -6.66 11.90
N ALA B 196 4.40 -6.44 11.90
CA ALA B 196 5.20 -6.13 10.69
C ALA B 196 6.65 -5.88 11.12
N THR B 197 7.60 -6.11 10.21
CA THR B 197 9.03 -6.11 10.52
C THR B 197 9.50 -4.67 10.56
N SER B 198 10.64 -4.43 11.22
CA SER B 198 11.34 -3.13 11.29
C SER B 198 11.73 -2.65 9.88
N ALA B 199 11.77 -3.56 8.89
CA ALA B 199 12.06 -3.24 7.47
C ALA B 199 10.84 -2.64 6.77
N GLN B 200 9.62 -3.03 7.18
CA GLN B 200 8.38 -2.55 6.54
C GLN B 200 8.10 -1.09 6.98
N LEU B 201 8.62 -0.67 8.13
CA LEU B 201 8.20 0.56 8.83
C LEU B 201 9.21 1.69 8.59
N SER B 202 8.73 2.84 8.13
CA SER B 202 9.49 4.11 8.20
C SER B 202 9.80 4.37 9.68
N LEU B 203 11.01 4.87 9.95
CA LEU B 203 11.41 5.22 11.33
C LEU B 203 10.41 6.27 11.82
N LEU B 204 10.06 7.23 10.95
CA LEU B 204 9.17 8.37 11.29
C LEU B 204 7.83 7.82 11.79
N HIS B 205 7.28 6.82 11.08
CA HIS B 205 6.01 6.16 11.45
C HIS B 205 6.14 5.49 12.82
N ALA B 206 7.27 4.80 13.08
CA ALA B 206 7.52 4.07 14.36
C ALA B 206 7.69 5.09 15.50
N ALA B 207 8.41 6.19 15.24
CA ALA B 207 8.66 7.26 16.23
C ALA B 207 7.32 7.89 16.63
N HIS B 208 6.43 8.15 15.65
CA HIS B 208 5.10 8.77 15.91
C HIS B 208 4.30 7.81 16.77
N TYR B 209 4.36 6.52 16.45
CA TYR B 209 3.54 5.48 17.10
C TYR B 209 3.91 5.41 18.57
N VAL B 210 5.23 5.46 18.83
CA VAL B 210 5.87 5.48 20.18
C VAL B 210 5.50 6.78 20.91
N HIS B 211 5.68 7.97 20.34
CA HIS B 211 5.24 9.25 21.00
C HIS B 211 3.76 9.12 21.38
N SER B 212 2.88 8.68 20.48
CA SER B 212 1.41 8.56 20.66
C SER B 212 0.98 7.72 21.89
N ALA B 213 1.77 6.71 22.24
CA ALA B 213 1.61 5.77 23.37
C ALA B 213 2.21 6.34 24.67
N GLY B 214 3.24 7.20 24.56
CA GLY B 214 4.02 7.70 25.70
C GLY B 214 5.24 6.82 25.97
N GLY B 215 5.72 6.07 24.97
CA GLY B 215 7.05 5.45 25.01
C GLY B 215 7.03 3.94 24.84
N TRP B 216 8.23 3.38 24.71
CA TRP B 216 8.49 1.94 24.46
C TRP B 216 8.00 1.10 25.64
N SER B 217 8.14 1.59 26.91
CA SER B 217 7.64 0.92 28.15
C SER B 217 6.12 0.83 28.12
N LYS B 218 5.46 1.87 27.61
CA LYS B 218 3.98 1.95 27.56
C LYS B 218 3.50 0.84 26.63
N LEU B 219 4.23 0.64 25.53
CA LEU B 219 3.88 -0.32 24.44
C LEU B 219 4.21 -1.76 24.85
N THR B 220 5.36 -1.98 25.48
CA THR B 220 5.93 -3.33 25.74
C THR B 220 5.66 -3.83 27.17
N ASP B 221 5.46 -2.97 28.19
CA ASP B 221 5.25 -3.43 29.60
C ASP B 221 3.88 -4.09 29.70
N THR B 222 3.72 -5.01 30.65
CA THR B 222 2.49 -5.83 30.89
C THR B 222 1.84 -5.44 32.23
N GLU B 223 2.02 -4.18 32.65
CA GLU B 223 1.85 -3.70 34.06
C GLU B 223 2.56 -2.36 34.16
N GLY B 224 1.78 -1.31 34.42
CA GLY B 224 2.15 0.07 34.08
C GLY B 224 2.18 0.30 32.57
N GLY B 225 1.57 -0.60 31.79
CA GLY B 225 1.69 -0.63 30.32
C GLY B 225 0.46 -1.19 29.62
N ALA B 226 0.50 -1.26 28.29
CA ALA B 226 -0.66 -1.58 27.41
C ALA B 226 -1.19 -3.01 27.68
N GLN B 227 -0.40 -3.90 28.31
CA GLN B 227 -0.82 -5.30 28.60
C GLN B 227 -1.09 -5.51 30.11
N GLN B 228 -1.46 -4.48 30.87
CA GLN B 228 -1.70 -4.62 32.34
C GLN B 228 -3.03 -5.34 32.62
N ASP B 229 -4.11 -4.96 31.93
CA ASP B 229 -5.50 -5.27 32.38
C ASP B 229 -6.33 -5.87 31.25
N ARG B 230 -7.23 -6.77 31.60
CA ARG B 230 -8.22 -7.43 30.71
C ARG B 230 -9.65 -6.94 31.07
N LEU B 231 -10.63 -7.29 30.25
CA LEU B 231 -12.04 -6.89 30.52
C LEU B 231 -12.82 -8.15 30.88
N VAL B 232 -13.52 -8.11 32.03
CA VAL B 232 -14.39 -9.21 32.56
C VAL B 232 -15.52 -9.42 31.56
N GLY B 233 -15.69 -10.62 31.00
CA GLY B 233 -16.69 -10.91 29.96
C GLY B 233 -16.16 -10.63 28.56
N GLY B 234 -14.96 -10.06 28.47
CA GLY B 234 -14.30 -9.74 27.19
C GLY B 234 -14.82 -8.44 26.55
N VAL B 235 -14.28 -8.11 25.38
CA VAL B 235 -14.27 -6.75 24.77
C VAL B 235 -15.50 -6.58 23.87
N GLN B 236 -15.95 -7.60 23.13
CA GLN B 236 -17.06 -7.41 22.16
C GLN B 236 -18.31 -6.91 22.92
N PRO B 237 -18.68 -7.58 24.04
CA PRO B 237 -19.70 -7.07 24.97
C PRO B 237 -19.71 -5.56 25.23
N LEU B 238 -18.56 -4.96 25.60
CA LEU B 238 -18.41 -3.51 25.94
C LEU B 238 -18.83 -2.63 24.75
N ALA B 239 -18.44 -3.00 23.53
CA ALA B 239 -18.93 -2.43 22.25
C ALA B 239 -20.42 -2.75 22.05
N GLU B 240 -20.90 -3.85 22.62
CA GLU B 240 -22.37 -4.18 22.54
C GLU B 240 -23.12 -3.25 23.49
N ARG B 241 -22.49 -2.86 24.60
CA ARG B 241 -23.07 -1.92 25.59
C ARG B 241 -23.03 -0.47 25.05
N LEU B 242 -22.06 -0.13 24.19
CA LEU B 242 -21.96 1.17 23.46
C LEU B 242 -23.02 1.21 22.36
N ALA B 243 -23.23 0.09 21.67
CA ALA B 243 -24.25 -0.05 20.60
C ALA B 243 -25.64 0.16 21.21
N ALA B 244 -25.90 -0.47 22.36
CA ALA B 244 -27.23 -0.48 23.02
C ALA B 244 -27.67 0.94 23.46
N ARG B 245 -26.75 1.92 23.49
CA ARG B 245 -27.04 3.33 23.90
C ARG B 245 -27.37 4.17 22.67
N LEU B 246 -27.55 3.55 21.51
CA LEU B 246 -28.10 4.20 20.29
C LEU B 246 -29.60 3.98 20.30
N PRO B 247 -30.37 4.91 19.69
CA PRO B 247 -31.78 4.67 19.40
C PRO B 247 -31.99 3.29 18.73
N ASP B 248 -33.17 2.70 18.95
CA ASP B 248 -33.80 1.62 18.14
C ASP B 248 -33.78 2.06 16.67
N GLY B 249 -33.22 1.23 15.79
CA GLY B 249 -33.24 1.41 14.32
C GLY B 249 -32.00 2.14 13.81
N ALA B 250 -31.09 2.53 14.71
CA ALA B 250 -29.85 3.29 14.42
C ALA B 250 -28.85 2.39 13.66
N LEU B 251 -28.75 1.13 14.06
CA LEU B 251 -27.75 0.13 13.58
C LEU B 251 -28.41 -0.83 12.58
N ARG B 252 -27.89 -0.94 11.35
CA ARG B 252 -28.19 -2.06 10.42
C ARG B 252 -26.93 -2.92 10.28
N LEU B 253 -26.90 -4.13 10.86
CA LEU B 253 -25.81 -5.12 10.62
C LEU B 253 -26.04 -5.75 9.25
N SER B 254 -25.10 -6.59 8.77
CA SER B 254 -25.15 -7.27 7.44
C SER B 254 -25.50 -6.26 6.34
N THR B 255 -25.03 -5.03 6.51
CA THR B 255 -25.29 -3.86 5.63
C THR B 255 -23.94 -3.25 5.24
N PRO B 256 -23.17 -3.88 4.33
CA PRO B 256 -21.92 -3.30 3.86
C PRO B 256 -22.15 -2.09 2.93
N VAL B 257 -21.36 -1.03 3.09
CA VAL B 257 -21.47 0.17 2.20
C VAL B 257 -20.59 -0.05 0.96
N ARG B 258 -21.23 -0.08 -0.22
CA ARG B 258 -20.64 -0.32 -1.56
C ARG B 258 -20.25 1.00 -2.26
N GLY B 259 -20.97 2.09 -1.97
CA GLY B 259 -20.91 3.33 -2.78
C GLY B 259 -21.30 4.56 -1.98
N LEU B 260 -20.62 5.68 -2.20
CA LEU B 260 -20.83 6.95 -1.49
C LEU B 260 -20.74 8.11 -2.50
N ALA B 261 -21.86 8.79 -2.76
CA ALA B 261 -22.01 9.87 -3.77
C ALA B 261 -22.37 11.16 -3.06
N GLN B 262 -21.59 12.22 -3.21
CA GLN B 262 -21.91 13.52 -2.57
C GLN B 262 -22.22 14.52 -3.67
N ASP B 263 -23.11 15.48 -3.37
CA ASP B 263 -23.49 16.61 -4.26
C ASP B 263 -23.65 17.81 -3.34
N GLY B 264 -24.26 18.92 -3.77
CA GLY B 264 -24.39 20.13 -2.97
C GLY B 264 -25.17 19.93 -1.66
N ASP B 265 -26.11 18.98 -1.62
CA ASP B 265 -27.19 18.87 -0.59
C ASP B 265 -26.91 17.69 0.36
N GLY B 266 -25.77 17.01 0.24
CA GLY B 266 -25.51 15.84 1.09
C GLY B 266 -24.88 14.68 0.35
N VAL B 267 -24.90 13.50 0.99
CA VAL B 267 -24.26 12.24 0.54
C VAL B 267 -25.35 11.18 0.35
N THR B 268 -25.18 10.30 -0.62
CA THR B 268 -26.03 9.14 -0.96
C THR B 268 -25.19 7.88 -0.81
N VAL B 269 -25.58 7.04 0.17
CA VAL B 269 -24.88 5.81 0.59
C VAL B 269 -25.58 4.63 -0.04
N ARG B 270 -24.95 4.03 -1.06
CA ARG B 270 -25.44 2.84 -1.79
C ARG B 270 -24.99 1.60 -1.03
N THR B 271 -25.96 0.80 -0.61
CA THR B 271 -25.76 -0.60 -0.18
C THR B 271 -26.27 -1.49 -1.31
N ALA B 272 -26.26 -2.81 -1.12
CA ALA B 272 -26.91 -3.78 -2.03
C ALA B 272 -28.42 -3.53 -2.14
N GLY B 273 -29.07 -3.16 -1.03
CA GLY B 273 -30.54 -3.09 -0.92
C GLY B 273 -31.13 -1.69 -1.04
N GLY B 274 -30.53 -0.81 -1.87
CA GLY B 274 -31.03 0.56 -2.11
C GLY B 274 -30.10 1.64 -1.54
N GLU B 275 -30.69 2.78 -1.14
CA GLU B 275 -29.94 4.03 -0.85
C GLU B 275 -30.39 4.64 0.49
N VAL B 276 -29.58 5.55 1.03
CA VAL B 276 -29.71 6.21 2.37
C VAL B 276 -29.11 7.62 2.28
N ARG B 277 -29.97 8.66 2.16
CA ARG B 277 -29.56 10.07 1.94
C ARG B 277 -29.23 10.67 3.32
N ALA B 278 -28.11 11.38 3.44
CA ALA B 278 -27.63 12.02 4.69
C ALA B 278 -27.08 13.41 4.38
N ARG B 279 -26.83 14.22 5.40
CA ARG B 279 -26.20 15.54 5.20
C ARG B 279 -24.68 15.31 5.17
N ARG B 280 -24.19 14.45 6.06
CA ARG B 280 -22.74 14.18 6.19
C ARG B 280 -22.55 12.71 6.60
N ALA B 281 -21.45 12.12 6.13
CA ALA B 281 -21.06 10.72 6.42
C ALA B 281 -19.79 10.75 7.26
N ILE B 282 -19.69 9.86 8.24
CA ILE B 282 -18.39 9.49 8.84
C ILE B 282 -18.06 8.06 8.38
N VAL B 283 -16.97 7.91 7.63
CA VAL B 283 -16.42 6.57 7.26
C VAL B 283 -15.37 6.22 8.32
N ALA B 284 -15.56 5.11 9.03
CA ALA B 284 -14.78 4.72 10.23
C ALA B 284 -14.29 3.27 10.07
N VAL B 285 -13.86 2.92 8.88
CA VAL B 285 -13.42 1.55 8.51
C VAL B 285 -11.92 1.61 8.36
N PRO B 286 -11.22 0.46 8.41
CA PRO B 286 -9.79 0.44 8.10
C PRO B 286 -9.47 1.12 6.77
N PRO B 287 -8.36 1.88 6.70
CA PRO B 287 -8.03 2.70 5.54
C PRO B 287 -8.01 1.97 4.18
N THR B 288 -7.64 0.70 4.17
CA THR B 288 -7.64 -0.20 2.97
C THR B 288 -9.08 -0.50 2.53
N LEU B 289 -9.99 -0.74 3.48
CA LEU B 289 -11.43 -0.97 3.18
C LEU B 289 -12.05 0.35 2.69
N ALA B 290 -11.65 1.48 3.26
CA ALA B 290 -12.15 2.84 2.95
C ALA B 290 -11.94 3.14 1.46
N GLY B 291 -10.75 2.84 0.94
CA GLY B 291 -10.38 3.09 -0.46
C GLY B 291 -11.18 2.26 -1.47
N ARG B 292 -11.65 1.08 -1.09
CA ARG B 292 -12.38 0.13 -1.99
C ARG B 292 -13.81 0.60 -2.23
N ILE B 293 -14.32 1.53 -1.41
CA ILE B 293 -15.71 2.05 -1.58
C ILE B 293 -15.74 2.86 -2.88
N ASP B 294 -16.84 2.79 -3.62
CA ASP B 294 -17.03 3.56 -4.86
C ASP B 294 -17.32 5.02 -4.44
N HIS B 295 -16.37 5.94 -4.55
CA HIS B 295 -16.57 7.35 -4.12
C HIS B 295 -17.03 8.16 -5.34
N ASP B 296 -17.94 9.12 -5.16
CA ASP B 296 -18.44 9.95 -6.29
C ASP B 296 -18.80 11.35 -5.80
N PRO B 297 -18.07 12.41 -6.22
CA PRO B 297 -16.88 12.27 -7.07
C PRO B 297 -15.77 11.34 -6.55
N PRO B 298 -14.79 10.95 -7.40
CA PRO B 298 -13.67 10.11 -6.98
C PRO B 298 -12.92 10.93 -5.93
N LEU B 299 -12.36 10.28 -4.91
CA LEU B 299 -11.58 10.95 -3.86
C LEU B 299 -10.43 11.72 -4.49
N PRO B 300 -9.93 12.77 -3.81
CA PRO B 300 -8.75 13.48 -4.28
C PRO B 300 -7.53 12.56 -4.33
N PRO B 301 -6.63 12.82 -5.30
CA PRO B 301 -5.50 11.93 -5.53
C PRO B 301 -4.70 11.62 -4.25
N GLN B 302 -4.29 12.65 -3.51
CA GLN B 302 -3.38 12.48 -2.35
C GLN B 302 -4.01 11.49 -1.35
N ARG B 303 -5.35 11.56 -1.22
CA ARG B 303 -6.09 10.73 -0.25
C ARG B 303 -6.09 9.30 -0.79
N ASP B 304 -6.69 9.06 -1.96
CA ASP B 304 -6.69 7.70 -2.57
C ASP B 304 -5.31 7.06 -2.46
N GLN B 305 -4.26 7.76 -2.89
CA GLN B 305 -2.88 7.22 -2.85
C GLN B 305 -2.36 7.07 -1.40
N LEU B 306 -2.80 7.91 -0.44
CA LEU B 306 -2.53 7.67 1.01
C LEU B 306 -3.00 6.27 1.41
N LEU B 307 -4.26 5.94 1.14
CA LEU B 307 -4.84 4.59 1.43
C LEU B 307 -3.97 3.50 0.79
N GLN B 308 -3.52 3.71 -0.45
CA GLN B 308 -2.63 2.75 -1.16
C GLN B 308 -1.34 2.49 -0.34
N HIS B 309 -0.95 3.47 0.47
CA HIS B 309 0.27 3.44 1.29
C HIS B 309 -0.04 3.17 2.77
N MET B 310 -1.27 2.76 3.15
CA MET B 310 -1.62 2.33 4.56
C MET B 310 -2.04 0.85 4.60
N PRO B 311 -1.10 -0.10 4.29
CA PRO B 311 -1.40 -1.52 4.36
C PRO B 311 -1.67 -1.95 5.80
N GLN B 312 -2.54 -2.92 6.02
CA GLN B 312 -2.77 -3.47 7.38
C GLN B 312 -1.64 -4.44 7.74
N GLY B 313 -1.34 -4.58 9.04
CA GLY B 313 -0.41 -5.60 9.56
C GLY B 313 -0.91 -7.00 9.25
N SER B 314 -0.13 -8.02 9.56
CA SER B 314 -0.49 -9.44 9.33
C SER B 314 -0.46 -10.17 10.67
N VAL B 315 -1.58 -10.68 11.11
CA VAL B 315 -1.61 -11.27 12.46
C VAL B 315 -2.61 -12.41 12.46
N VAL B 316 -2.18 -13.56 13.00
CA VAL B 316 -3.03 -14.69 13.45
C VAL B 316 -2.93 -14.74 14.96
N LYS B 317 -4.06 -14.65 15.66
CA LYS B 317 -4.10 -14.70 17.16
C LYS B 317 -4.69 -16.03 17.62
N PHE B 318 -4.03 -16.70 18.56
CA PHE B 318 -4.47 -18.05 19.03
C PHE B 318 -4.69 -18.06 20.53
N HIS B 319 -5.56 -18.99 20.96
CA HIS B 319 -5.75 -19.43 22.38
C HIS B 319 -5.61 -20.96 22.48
N VAL B 320 -4.73 -21.46 23.35
CA VAL B 320 -4.56 -22.93 23.54
C VAL B 320 -5.29 -23.31 24.83
N ILE B 321 -6.36 -24.10 24.73
CA ILE B 321 -7.24 -24.50 25.86
C ILE B 321 -6.63 -25.72 26.57
N TYR B 322 -6.30 -25.59 27.86
CA TYR B 322 -5.98 -26.70 28.80
C TYR B 322 -6.99 -26.70 29.94
N ASP B 323 -7.28 -27.89 30.47
CA ASP B 323 -8.20 -28.09 31.63
C ASP B 323 -7.75 -27.20 32.80
N GLU B 324 -6.44 -27.02 33.03
CA GLU B 324 -5.88 -26.22 34.13
C GLU B 324 -4.70 -25.40 33.64
N PRO B 325 -4.36 -24.26 34.30
CA PRO B 325 -3.08 -23.58 34.08
C PRO B 325 -1.93 -24.34 34.76
N TRP B 326 -1.66 -25.57 34.27
CA TRP B 326 -0.65 -26.51 34.83
C TRP B 326 0.67 -25.77 35.01
N TRP B 327 0.99 -24.82 34.11
CA TRP B 327 2.27 -24.06 34.12
C TRP B 327 2.50 -23.29 35.42
N ARG B 328 1.46 -22.85 36.13
CA ARG B 328 1.63 -22.15 37.43
C ARG B 328 2.26 -23.10 38.45
N ALA B 329 1.98 -24.42 38.33
CA ALA B 329 2.55 -25.50 39.17
C ALA B 329 4.07 -25.48 39.07
N GLU B 330 4.62 -25.29 37.86
CA GLU B 330 6.06 -25.35 37.54
C GLU B 330 6.76 -24.02 37.87
N GLY B 331 6.04 -23.03 38.41
CA GLY B 331 6.60 -21.72 38.77
C GLY B 331 6.87 -20.88 37.53
N LEU B 332 6.05 -21.07 36.49
CA LEU B 332 6.17 -20.41 35.16
C LEU B 332 5.02 -19.42 34.96
N SER B 333 5.32 -18.23 34.40
CA SER B 333 4.33 -17.19 33.99
C SER B 333 3.36 -17.72 32.93
N GLY B 334 3.84 -18.50 31.96
CA GLY B 334 3.07 -18.82 30.75
C GLY B 334 3.47 -17.95 29.58
N THR B 335 4.46 -17.07 29.77
CA THR B 335 5.05 -16.22 28.69
C THR B 335 6.33 -16.88 28.19
N VAL B 336 6.39 -17.16 26.86
CA VAL B 336 7.63 -17.55 26.11
C VAL B 336 7.97 -16.45 25.09
N LEU B 337 9.26 -16.13 24.95
CA LEU B 337 9.77 -15.10 24.02
C LEU B 337 10.79 -15.71 23.07
N CYS B 338 10.46 -15.76 21.77
CA CYS B 338 11.21 -16.56 20.76
C CYS B 338 11.45 -15.74 19.51
N PRO B 339 12.60 -15.03 19.42
CA PRO B 339 13.00 -14.27 18.22
C PRO B 339 13.02 -15.08 16.91
N ASP B 340 13.39 -16.37 16.99
CA ASP B 340 13.67 -17.24 15.81
C ASP B 340 12.60 -18.33 15.65
N GLU B 341 11.48 -18.30 16.40
CA GLU B 341 10.36 -19.26 16.21
C GLU B 341 9.22 -18.56 15.46
N PRO B 342 8.26 -19.29 14.85
CA PRO B 342 7.14 -18.63 14.16
C PRO B 342 6.22 -17.88 15.14
N ILE B 343 6.27 -18.26 16.41
CA ILE B 343 5.46 -17.68 17.54
C ILE B 343 6.30 -16.63 18.28
N GLY B 344 5.81 -15.39 18.36
CA GLY B 344 6.54 -14.26 18.98
C GLY B 344 6.51 -14.28 20.50
N VAL B 345 5.42 -13.77 21.07
CA VAL B 345 5.23 -13.63 22.54
C VAL B 345 3.93 -14.31 22.96
N THR B 346 3.97 -15.04 24.08
CA THR B 346 2.77 -15.70 24.65
C THR B 346 2.43 -15.03 25.99
N PHE B 347 1.19 -15.22 26.41
CA PHE B 347 0.59 -14.64 27.64
C PHE B 347 -0.38 -15.65 28.24
N ASP B 348 -0.29 -15.85 29.55
CA ASP B 348 -1.29 -16.57 30.38
C ASP B 348 -2.65 -15.88 30.21
N GLY B 349 -3.61 -16.54 29.55
CA GLY B 349 -4.97 -16.05 29.19
C GLY B 349 -6.09 -16.65 30.03
N THR B 350 -5.74 -17.31 31.14
CA THR B 350 -6.66 -18.00 32.08
C THR B 350 -7.60 -16.97 32.72
N PRO B 351 -8.94 -17.06 32.62
CA PRO B 351 -9.84 -16.16 33.37
C PRO B 351 -9.64 -16.22 34.88
N PRO B 352 -10.17 -15.27 35.68
CA PRO B 352 -9.94 -15.28 37.12
C PRO B 352 -10.55 -16.51 37.83
N ALA B 353 -11.58 -17.14 37.26
CA ALA B 353 -12.17 -18.40 37.78
C ALA B 353 -11.05 -19.44 37.96
N GLY B 354 -9.96 -19.33 37.19
CA GLY B 354 -8.73 -20.13 37.30
C GLY B 354 -8.69 -21.36 36.39
N THR B 355 -9.75 -21.60 35.60
CA THR B 355 -9.89 -22.66 34.57
C THR B 355 -10.88 -22.21 33.51
N PRO B 356 -10.77 -22.68 32.24
CA PRO B 356 -9.65 -23.51 31.81
C PRO B 356 -8.33 -22.75 31.82
N GLY B 357 -7.18 -23.43 31.82
CA GLY B 357 -5.89 -22.83 31.42
C GLY B 357 -5.95 -22.35 29.97
N ILE B 358 -5.53 -21.13 29.70
CA ILE B 358 -5.38 -20.63 28.30
C ILE B 358 -3.98 -20.04 28.13
N VAL B 359 -3.25 -20.46 27.10
CA VAL B 359 -2.03 -19.77 26.60
C VAL B 359 -2.43 -18.97 25.36
N THR B 360 -2.35 -17.64 25.45
CA THR B 360 -2.69 -16.70 24.36
C THR B 360 -1.39 -16.25 23.69
N GLY B 361 -1.44 -16.17 22.36
CA GLY B 361 -0.25 -15.87 21.57
C GLY B 361 -0.64 -15.49 20.16
N PHE B 362 0.37 -15.10 19.37
CA PHE B 362 0.22 -14.59 17.99
C PHE B 362 1.36 -15.08 17.09
N PHE B 363 1.01 -15.31 15.82
CA PHE B 363 1.95 -15.24 14.68
C PHE B 363 1.88 -13.77 14.22
N GLU B 364 3.04 -13.13 14.01
CA GLU B 364 3.15 -11.70 13.59
C GLU B 364 3.92 -11.63 12.28
N GLY B 365 3.53 -10.73 11.38
CA GLY B 365 4.30 -10.39 10.17
C GLY B 365 4.40 -11.54 9.18
N PRO B 366 5.60 -11.80 8.62
CA PRO B 366 5.83 -12.93 7.71
C PRO B 366 5.39 -14.30 8.23
N ALA B 367 5.54 -14.49 9.55
CA ALA B 367 5.07 -15.72 10.23
C ALA B 367 3.53 -15.80 10.17
N ALA B 368 2.83 -14.65 10.22
CA ALA B 368 1.35 -14.63 10.12
C ALA B 368 0.94 -15.04 8.71
N VAL B 369 1.64 -14.51 7.69
CA VAL B 369 1.34 -14.74 6.25
C VAL B 369 1.60 -16.23 5.92
N ALA B 370 2.72 -16.83 6.39
CA ALA B 370 3.02 -18.27 6.22
C ALA B 370 1.90 -19.08 6.87
N ALA B 371 1.67 -18.91 8.17
CA ALA B 371 0.62 -19.61 8.97
C ALA B 371 -0.75 -19.43 8.31
N GLY B 372 -1.01 -18.24 7.76
CA GLY B 372 -2.30 -17.88 7.15
C GLY B 372 -2.68 -18.83 6.03
N ALA B 373 -1.70 -19.33 5.27
CA ALA B 373 -1.88 -20.17 4.07
C ALA B 373 -2.05 -21.63 4.47
N ARG B 374 -1.82 -21.99 5.74
CA ARG B 374 -1.95 -23.37 6.30
C ARG B 374 -3.33 -23.52 6.96
N THR B 375 -3.71 -24.73 7.35
CA THR B 375 -5.02 -25.02 8.00
C THR B 375 -4.92 -24.66 9.49
N ARG B 376 -6.07 -24.73 10.19
CA ARG B 376 -6.10 -24.50 11.66
C ARG B 376 -5.27 -25.62 12.34
N GLU B 377 -5.44 -26.87 11.92
CA GLU B 377 -4.80 -28.07 12.54
C GLU B 377 -3.28 -27.92 12.49
N GLU B 378 -2.75 -27.56 11.30
CA GLU B 378 -1.30 -27.31 11.03
C GLU B 378 -0.75 -26.18 11.91
N ARG B 379 -1.47 -25.05 12.05
CA ARG B 379 -1.07 -23.91 12.91
C ARG B 379 -1.05 -24.38 14.36
N ARG B 380 -2.05 -25.16 14.77
CA ARG B 380 -2.06 -25.79 16.12
C ARG B 380 -0.77 -26.61 16.35
N ASP B 381 -0.42 -27.52 15.44
CA ASP B 381 0.80 -28.35 15.62
C ASP B 381 1.98 -27.40 15.90
N VAL B 382 2.07 -26.31 15.13
CA VAL B 382 3.28 -25.43 15.10
C VAL B 382 3.44 -24.78 16.49
N VAL B 383 2.33 -24.37 17.09
CA VAL B 383 2.32 -23.65 18.39
C VAL B 383 2.64 -24.66 19.49
N VAL B 384 1.99 -25.81 19.47
CA VAL B 384 2.30 -26.89 20.46
C VAL B 384 3.80 -27.24 20.42
N ASP B 385 4.40 -27.37 19.24
CA ASP B 385 5.82 -27.76 19.08
C ASP B 385 6.70 -26.70 19.76
N VAL B 386 6.38 -25.42 19.58
CA VAL B 386 7.08 -24.31 20.30
C VAL B 386 6.86 -24.47 21.81
N LEU B 387 5.61 -24.58 22.26
CA LEU B 387 5.26 -24.54 23.71
C LEU B 387 5.96 -25.68 24.44
N ALA B 388 5.94 -26.90 23.89
CA ALA B 388 6.51 -28.10 24.53
C ALA B 388 8.00 -27.90 24.83
N ARG B 389 8.77 -27.30 23.91
CA ARG B 389 10.24 -27.06 24.07
C ARG B 389 10.52 -25.84 24.96
N THR B 390 9.49 -25.12 25.44
CA THR B 390 9.64 -23.85 26.19
C THR B 390 8.95 -23.99 27.56
N LEU B 391 7.64 -24.25 27.59
CA LEU B 391 6.84 -24.54 28.82
C LEU B 391 7.03 -26.00 29.26
N GLY B 392 7.17 -26.98 28.35
CA GLY B 392 7.42 -28.41 28.69
C GLY B 392 6.40 -29.37 28.11
N GLU B 393 6.64 -30.70 28.25
CA GLU B 393 5.89 -31.82 27.60
C GLU B 393 4.38 -31.71 27.89
N ARG B 394 4.02 -31.11 29.03
CA ARG B 394 2.62 -30.95 29.52
C ARG B 394 1.79 -30.13 28.52
N ALA B 395 2.47 -29.33 27.69
CA ALA B 395 1.92 -28.41 26.67
C ALA B 395 1.22 -29.20 25.57
N ARG B 396 1.51 -30.50 25.43
CA ARG B 396 0.88 -31.37 24.39
C ARG B 396 -0.52 -31.81 24.86
N ASP B 397 -0.75 -31.93 26.17
CA ASP B 397 -2.02 -32.50 26.72
C ASP B 397 -3.10 -31.43 26.54
N VAL B 398 -3.39 -31.11 25.28
CA VAL B 398 -4.15 -29.90 24.85
C VAL B 398 -5.63 -30.29 24.78
N ARG B 399 -6.53 -29.42 25.27
CA ARG B 399 -7.99 -29.63 25.28
C ARG B 399 -8.56 -29.14 23.95
N ASP B 400 -8.02 -28.06 23.40
CA ASP B 400 -8.61 -27.40 22.20
C ASP B 400 -7.72 -26.24 21.73
N TYR B 401 -7.87 -25.87 20.45
CA TYR B 401 -7.16 -24.72 19.82
C TYR B 401 -8.17 -23.96 18.97
N ILE B 402 -8.21 -22.65 19.20
CA ILE B 402 -9.07 -21.64 18.54
C ILE B 402 -8.14 -20.52 18.04
N ASP B 403 -8.17 -20.19 16.75
CA ASP B 403 -7.38 -19.03 16.28
C ASP B 403 -8.17 -18.25 15.22
N ARG B 404 -7.73 -17.02 14.94
CA ARG B 404 -8.32 -16.14 13.90
C ARG B 404 -7.21 -15.46 13.09
N ASP B 405 -7.24 -15.66 11.77
CA ASP B 405 -6.43 -14.91 10.79
C ASP B 405 -7.17 -13.61 10.44
N TRP B 406 -6.73 -12.48 11.02
CA TRP B 406 -7.34 -11.16 10.73
C TRP B 406 -7.04 -10.68 9.30
N SER B 407 -5.93 -11.11 8.68
CA SER B 407 -5.66 -10.87 7.24
C SER B 407 -6.77 -11.53 6.38
N ALA B 408 -7.37 -12.62 6.86
CA ALA B 408 -8.32 -13.46 6.10
C ALA B 408 -9.76 -12.92 6.21
N GLU B 409 -10.04 -12.05 7.22
CA GLU B 409 -11.33 -11.30 7.44
C GLU B 409 -11.54 -10.24 6.37
N PRO B 410 -12.56 -10.39 5.48
CA PRO B 410 -12.80 -9.42 4.41
C PRO B 410 -13.25 -8.02 4.86
N TRP B 411 -13.60 -7.84 6.14
CA TRP B 411 -14.04 -6.53 6.70
C TRP B 411 -13.01 -6.00 7.71
N THR B 412 -11.78 -6.52 7.66
CA THR B 412 -10.59 -6.01 8.38
C THR B 412 -9.38 -6.03 7.45
N ARG B 413 -9.02 -7.22 6.91
CA ARG B 413 -7.85 -7.45 6.04
C ARG B 413 -6.56 -7.03 6.75
N GLY B 414 -6.46 -7.29 8.05
CA GLY B 414 -5.18 -7.33 8.81
C GLY B 414 -5.28 -6.53 10.10
N CYS B 415 -4.73 -7.07 11.18
CA CYS B 415 -4.56 -6.39 12.48
C CYS B 415 -3.08 -6.15 12.67
N TYR B 416 -2.69 -5.38 13.68
CA TYR B 416 -3.61 -4.65 14.54
C TYR B 416 -4.19 -3.44 13.78
N GLY B 417 -3.40 -2.81 12.92
CA GLY B 417 -3.84 -1.66 12.10
C GLY B 417 -2.88 -1.46 10.96
N ALA B 418 -2.89 -0.25 10.41
CA ALA B 418 -2.06 0.13 9.25
C ALA B 418 -0.68 0.57 9.74
N HIS B 419 0.31 0.35 8.89
CA HIS B 419 1.66 0.94 8.98
C HIS B 419 1.86 1.76 7.69
N LEU B 420 2.91 2.58 7.68
CA LEU B 420 3.26 3.40 6.52
C LEU B 420 4.74 3.18 6.15
N PRO B 421 5.04 2.74 4.91
CA PRO B 421 6.42 2.53 4.50
C PRO B 421 7.12 3.86 4.29
N PRO B 422 8.45 3.84 4.03
CA PRO B 422 9.19 5.07 3.78
C PRO B 422 8.46 5.94 2.74
N GLY B 423 8.40 7.25 3.01
CA GLY B 423 7.95 8.28 2.04
C GLY B 423 6.47 8.52 2.15
N ALA B 424 5.77 7.68 2.90
CA ALA B 424 4.29 7.74 2.97
C ALA B 424 3.90 9.00 3.73
N TRP B 425 4.44 9.17 4.94
CA TRP B 425 3.93 10.14 5.95
C TRP B 425 4.12 11.57 5.45
N THR B 426 5.26 11.88 4.84
CA THR B 426 5.64 13.28 4.52
C THR B 426 4.90 13.74 3.27
N VAL B 427 4.52 12.81 2.40
CA VAL B 427 4.00 13.12 1.02
C VAL B 427 2.49 12.94 0.99
N TYR B 428 1.99 11.82 1.50
CA TYR B 428 0.53 11.46 1.49
C TYR B 428 -0.12 11.67 2.85
N GLY B 429 0.64 11.51 3.95
CA GLY B 429 0.20 11.72 5.35
C GLY B 429 -0.76 12.92 5.50
N PRO B 430 -0.41 14.13 5.04
CA PRO B 430 -1.26 15.31 5.30
C PRO B 430 -2.75 15.10 4.97
N ALA B 431 -3.15 14.11 4.17
CA ALA B 431 -4.56 13.88 3.73
C ALA B 431 -5.34 13.05 4.75
N LEU B 432 -4.67 12.61 5.82
CA LEU B 432 -5.14 11.53 6.70
C LEU B 432 -6.47 11.88 7.41
N ARG B 433 -6.67 13.14 7.82
CA ARG B 433 -7.87 13.57 8.60
C ARG B 433 -8.66 14.54 7.74
N VAL B 434 -8.08 15.09 6.65
CA VAL B 434 -8.71 16.15 5.80
C VAL B 434 -10.09 15.66 5.38
N PRO B 435 -11.20 16.31 5.80
CA PRO B 435 -12.51 15.95 5.25
C PRO B 435 -12.50 16.14 3.73
N VAL B 436 -13.36 15.39 3.04
CA VAL B 436 -13.55 15.44 1.57
C VAL B 436 -15.01 15.80 1.31
N GLY B 437 -15.24 17.09 1.07
CA GLY B 437 -16.59 17.66 0.99
C GLY B 437 -17.36 17.38 2.26
N ARG B 438 -18.42 16.56 2.18
CA ARG B 438 -19.33 16.28 3.33
C ARG B 438 -18.99 14.91 3.93
N VAL B 439 -17.90 14.23 3.49
CA VAL B 439 -17.44 12.93 4.06
C VAL B 439 -16.24 13.16 4.99
N HIS B 440 -16.32 12.62 6.22
CA HIS B 440 -15.31 12.75 7.30
C HIS B 440 -14.73 11.37 7.67
N TRP B 441 -13.61 11.41 8.39
CA TRP B 441 -12.71 10.25 8.61
C TRP B 441 -12.60 9.98 10.12
N ALA B 442 -12.72 8.72 10.51
CA ALA B 442 -12.38 8.20 11.87
C ALA B 442 -11.72 6.81 11.76
N GLY B 443 -11.39 6.23 12.92
CA GLY B 443 -10.74 4.92 13.10
C GLY B 443 -9.39 5.13 13.77
N THR B 444 -8.84 4.14 14.49
CA THR B 444 -7.63 4.30 15.37
C THR B 444 -6.47 4.89 14.54
N GLU B 445 -6.47 4.63 13.22
CA GLU B 445 -5.40 5.09 12.27
C GLU B 445 -5.34 6.62 12.26
N THR B 446 -6.42 7.31 12.63
CA THR B 446 -6.51 8.80 12.62
C THR B 446 -6.30 9.43 14.02
N ALA B 447 -6.14 8.65 15.11
CA ALA B 447 -5.99 9.21 16.48
C ALA B 447 -4.59 9.84 16.66
N GLU B 448 -4.45 10.81 17.57
CA GLU B 448 -3.12 11.39 17.93
C GLU B 448 -2.55 10.62 19.13
N ARG B 449 -3.44 10.06 19.96
CA ARG B 449 -3.08 9.39 21.25
C ARG B 449 -3.48 7.91 21.14
N TRP B 450 -2.53 7.03 21.44
CA TRP B 450 -2.78 5.57 21.46
C TRP B 450 -3.41 5.21 20.11
N THR B 451 -2.80 5.71 19.02
CA THR B 451 -3.09 5.28 17.63
C THR B 451 -2.87 3.76 17.57
N GLY B 452 -3.80 3.03 16.94
CA GLY B 452 -3.65 1.58 16.75
C GLY B 452 -4.32 0.78 17.86
N TYR B 453 -4.78 1.44 18.93
CA TYR B 453 -5.45 0.79 20.10
C TYR B 453 -6.94 1.11 20.11
N ILE B 454 -7.70 0.44 20.95
CA ILE B 454 -9.15 0.74 21.19
C ILE B 454 -9.35 2.21 21.66
N ASP B 455 -8.50 2.68 22.59
CA ASP B 455 -8.44 4.03 23.20
C ASP B 455 -8.30 5.13 22.15
N GLY B 456 -7.41 4.94 21.16
CA GLY B 456 -7.28 5.77 19.93
C GLY B 456 -8.47 5.64 18.95
N ALA B 457 -9.18 4.53 18.90
CA ALA B 457 -10.42 4.51 18.08
C ALA B 457 -11.41 5.47 18.73
N ILE B 458 -11.53 5.35 20.06
CA ILE B 458 -12.49 6.19 20.86
C ILE B 458 -12.21 7.67 20.54
N GLU B 459 -10.95 8.11 20.67
CA GLU B 459 -10.47 9.51 20.41
C GLU B 459 -10.93 9.94 19.03
N SER B 460 -10.69 9.10 18.02
CA SER B 460 -10.97 9.40 16.59
C SER B 460 -12.49 9.59 16.43
N GLY B 461 -13.30 8.79 17.12
CA GLY B 461 -14.77 8.90 17.11
C GLY B 461 -15.24 10.24 17.67
N GLN B 462 -14.80 10.59 18.87
CA GLN B 462 -15.16 11.88 19.53
C GLN B 462 -14.81 13.04 18.58
N ARG B 463 -13.55 13.03 18.11
CA ARG B 463 -12.99 14.03 17.15
C ARG B 463 -13.85 14.07 15.89
N ALA B 464 -14.06 12.97 15.18
CA ALA B 464 -14.87 12.96 13.93
C ALA B 464 -16.24 13.59 14.20
N ALA B 465 -16.90 13.26 15.33
CA ALA B 465 -18.23 13.75 15.75
C ALA B 465 -18.28 15.29 15.85
N ALA B 466 -17.40 15.87 16.67
CA ALA B 466 -17.24 17.34 16.84
C ALA B 466 -17.17 18.03 15.46
N GLU B 467 -16.18 17.66 14.63
CA GLU B 467 -16.02 18.16 13.23
C GLU B 467 -17.35 18.22 12.48
N VAL B 468 -18.12 17.13 12.52
CA VAL B 468 -19.34 16.99 11.69
C VAL B 468 -20.45 17.84 12.30
N LEU B 469 -20.44 18.02 13.63
CA LEU B 469 -21.51 18.79 14.34
C LEU B 469 -21.31 20.29 14.10
N ALA B 470 -20.05 20.75 14.24
CA ALA B 470 -19.55 22.10 13.92
C ALA B 470 -19.87 22.46 12.46
N ALA B 471 -19.67 21.52 11.52
CA ALA B 471 -19.93 21.64 10.06
C ALA B 471 -21.43 21.57 9.75
N LEU B 472 -22.22 20.72 10.44
CA LEU B 472 -23.71 20.81 10.37
C LEU B 472 -24.16 22.20 10.83
N GLY B 473 -23.67 22.68 11.98
CA GLY B 473 -24.15 23.88 12.70
C GLY B 473 -23.05 24.60 13.47
PA FAD C . -4.06 -0.50 -18.07
O1A FAD C . -4.30 0.17 -16.75
O2A FAD C . -3.59 0.29 -19.26
O5B FAD C . -5.49 -1.18 -18.35
C5B FAD C . -6.48 -1.39 -17.35
C4B FAD C . -7.89 -1.24 -17.93
O4B FAD C . -8.67 -1.63 -16.79
C3B FAD C . -8.23 0.23 -18.25
O3B FAD C . -8.76 0.42 -19.58
C2B FAD C . -9.19 0.63 -17.12
O2B FAD C . -10.19 1.62 -17.42
C1B FAD C . -9.79 -0.72 -16.71
N9A FAD C . -10.40 -0.94 -15.37
C8A FAD C . -9.95 -0.61 -14.15
N7A FAD C . -10.79 -1.03 -13.17
C5A FAD C . -11.80 -1.68 -13.84
C6A FAD C . -12.94 -2.34 -13.43
N6A FAD C . -13.28 -2.45 -12.12
N1A FAD C . -13.74 -2.88 -14.39
C2A FAD C . -13.44 -2.78 -15.69
N3A FAD C . -12.36 -2.17 -16.12
C4A FAD C . -11.52 -1.62 -15.21
N1 FAD C . 4.81 2.52 -21.11
C2 FAD C . 5.47 2.42 -22.29
O2 FAD C . 5.65 1.33 -22.86
N3 FAD C . 5.96 3.56 -22.87
C4 FAD C . 5.77 4.75 -22.31
O4 FAD C . 6.29 5.72 -22.88
C4X FAD C . 5.13 4.87 -21.07
N5 FAD C . 4.94 6.08 -20.47
C5X FAD C . 4.01 6.22 -19.50
C6 FAD C . 3.60 7.50 -19.10
C7 FAD C . 2.44 7.66 -18.34
C7M FAD C . 2.04 9.08 -17.91
C8 FAD C . 1.68 6.54 -17.99
C8M FAD C . 0.38 6.63 -17.17
C9 FAD C . 2.07 5.27 -18.39
C9A FAD C . 3.26 5.08 -19.14
N10 FAD C . 3.85 3.86 -19.35
C10 FAD C . 4.61 3.72 -20.49
C1' FAD C . 3.19 2.61 -18.82
C2' FAD C . 2.25 1.94 -19.82
O2' FAD C . 1.30 2.94 -20.30
C3' FAD C . 1.49 0.78 -19.18
O3' FAD C . 2.43 -0.12 -18.60
C4' FAD C . 0.54 -0.02 -20.05
O4' FAD C . -0.39 0.84 -20.68
C5' FAD C . -0.24 -0.98 -19.11
O5' FAD C . -1.31 -1.66 -19.76
P FAD C . -2.21 -2.63 -18.89
O1P FAD C . -3.24 -3.19 -19.87
O2P FAD C . -1.40 -3.57 -18.01
O3P FAD C . -3.01 -1.73 -17.77
MG MG D . 19.74 13.80 -27.06
N2 PUT E . 8.79 7.26 -18.65
C4 PUT E . 7.82 6.24 -19.06
C3 PUT E . 8.24 4.83 -18.67
C2 PUT E . 7.09 3.89 -18.40
C1 PUT E . 7.33 2.88 -17.28
N1 PUT E . 8.59 3.04 -16.49
N2 PUT F . 13.67 8.64 -19.00
C4 PUT F . 14.62 9.10 -17.97
C3 PUT F . 15.72 10.02 -18.47
C2 PUT F . 16.90 10.12 -17.53
C1 PUT F . 18.10 10.80 -18.17
N1 PUT F . 19.16 11.20 -17.21
PA FAD G . -12.57 -1.47 13.52
O1A FAD G . -11.62 -1.96 12.51
O2A FAD G . -12.61 -2.17 14.91
O5B FAD G . -14.04 -1.60 12.87
C5B FAD G . -14.45 -1.00 11.66
C4B FAD G . -15.79 -1.62 11.28
O4B FAD G . -16.25 -1.26 9.97
C3B FAD G . -15.75 -3.15 11.30
O3B FAD G . -16.79 -3.60 12.14
C2B FAD G . -16.03 -3.56 9.90
O2B FAD G . -16.72 -4.81 9.77
C1B FAD G . -16.83 -2.39 9.34
N9A FAD G . -16.71 -2.19 7.88
C8A FAD G . -15.61 -2.30 7.12
N7A FAD G . -15.89 -2.03 5.84
C5A FAD G . -17.19 -1.75 5.81
C6A FAD G . -18.05 -1.37 4.83
N6A FAD G . -17.62 -1.25 3.56
N1A FAD G . -19.34 -1.18 5.15
C2A FAD G . -19.80 -1.27 6.39
N3A FAD G . -18.99 -1.59 7.39
C4A FAD G . -17.69 -1.85 7.11
N1 FAD G . -6.06 -2.98 20.61
C2 FAD G . -6.08 -2.73 21.94
O2 FAD G . -6.41 -1.58 22.34
N3 FAD G . -5.70 -3.73 22.81
C4 FAD G . -5.28 -4.93 22.38
O4 FAD G . -4.95 -5.73 23.28
C4X FAD G . -5.25 -5.22 20.98
N5 FAD G . -4.87 -6.39 20.42
C5X FAD G . -5.34 -6.62 19.14
C6 FAD G . -5.35 -7.92 18.58
C7 FAD G . -5.99 -8.21 17.39
C7M FAD G . -5.89 -9.63 16.87
C8 FAD G . -6.71 -7.22 16.70
C8M FAD G . -7.42 -7.48 15.36
C9 FAD G . -6.70 -5.96 17.23
C9A FAD G . -6.03 -5.65 18.44
N10 FAD G . -5.71 -4.38 18.79
C10 FAD G . -5.67 -4.18 20.12
C1' FAD G . -6.18 -3.20 18.00
C2' FAD G . -7.68 -2.84 18.12
O2' FAD G . -8.62 -3.95 17.93
C3' FAD G . -8.00 -1.67 17.15
O3' FAD G . -7.10 -0.55 17.35
C4' FAD G . -9.42 -1.15 17.24
O4' FAD G . -10.34 -2.23 17.17
C5' FAD G . -9.71 -0.16 16.14
O5' FAD G . -11.03 -0.28 15.64
P FAD G . -11.82 0.91 14.89
O1P FAD G . -12.99 1.35 15.79
O2P FAD G . -10.88 1.98 14.35
O3P FAD G . -12.54 0.12 13.68
N2 PUT H . 8.88 -7.43 25.45
C4 PUT H . 7.63 -8.13 25.15
C3 PUT H . 6.73 -7.42 24.16
C2 PUT H . 5.25 -7.77 24.33
C1 PUT H . 4.33 -6.68 23.80
N1 PUT H . 3.02 -7.16 23.35
#